data_8YZW
#
_entry.id   8YZW
#
_cell.length_a   50.235
_cell.length_b   65.507
_cell.length_c   87.099
_cell.angle_alpha   111.94
_cell.angle_beta   90.08
_cell.angle_gamma   90.15
#
_symmetry.space_group_name_H-M   'P 1'
#
loop_
_entity.id
_entity.type
_entity.pdbx_description
1 polymer 'MHC class I antigen'
2 polymer Beta-2-microglobulin
3 polymer "Spike protein S2'"
4 water water
#
loop_
_entity_poly.entity_id
_entity_poly.type
_entity_poly.pdbx_seq_one_letter_code
_entity_poly.pdbx_strand_id
1 'polypeptide(L)'
;GSHSMRYFSTSVSRPGRGEPRFIAVGYVDDTQFVRFDSDAASQRMEPRAPWIEQEGPEYWDEETGKVKAHSQTDRENLRI
ALRYYNQSEAGSHTLQMMFGCDVGSDGRFLRGYHQYAYDGKDYIALKEDLRSWTAADMAAQITKRKWEAAHVAEQQRAYL
EGTCVDGLRRYLENGKETLQRTDPPKTHMTHHPISDHEATLRCWALGFYPAEITLTWQRDGEDQTQDTELVETRPAGDGT
FQKWAAVVVPSGEEQRYTCHVQHEGLPKPLTLRW
;
D,A
2 'polypeptide(L)'
;MIQRTPKIQVYSRHPAENGKSNFLNCYVSGFHPSDIEVDLLKNGERIEKVEHSDLSFSKDWSFYLLYYTEFTPTEKDEYA
CRVNHVTLSQPKIVKWDRDM
;
E,B
3 'polypeptide(L)' NYDYWYRLF F,C
#
# COMPACT_ATOMS: atom_id res chain seq x y z
N GLY A 1 -39.35 7.41 24.68
CA GLY A 1 -38.57 8.60 24.37
C GLY A 1 -38.82 9.12 22.97
N SER A 2 -37.78 9.70 22.38
CA SER A 2 -37.89 10.29 21.06
C SER A 2 -37.45 9.31 19.97
N HIS A 3 -37.73 9.67 18.71
CA HIS A 3 -37.47 8.79 17.59
C HIS A 3 -37.09 9.62 16.37
N SER A 4 -36.45 8.95 15.41
CA SER A 4 -35.96 9.60 14.21
C SER A 4 -36.27 8.74 13.00
N MET A 5 -36.42 9.42 11.87
CA MET A 5 -36.45 8.77 10.57
C MET A 5 -35.38 9.43 9.71
N ARG A 6 -34.62 8.61 9.01
CA ARG A 6 -33.52 9.14 8.22
C ARG A 6 -33.53 8.45 6.89
N TYR A 7 -33.30 9.22 5.84
CA TYR A 7 -32.99 8.65 4.53
C TYR A 7 -31.57 9.09 4.16
N PHE A 8 -30.75 8.14 3.71
CA PHE A 8 -29.37 8.42 3.32
C PHE A 8 -29.17 8.03 1.86
N SER A 9 -28.58 8.94 1.08
CA SER A 9 -28.29 8.62 -0.31
C SER A 9 -26.83 8.88 -0.64
N THR A 10 -26.32 8.12 -1.59
CA THR A 10 -24.96 8.29 -2.10
C THR A 10 -24.98 8.09 -3.61
N SER A 11 -24.51 9.09 -4.36
CA SER A 11 -24.33 9.00 -5.80
C SER A 11 -22.86 9.14 -6.12
N VAL A 12 -22.32 8.16 -6.82
CA VAL A 12 -20.90 8.10 -7.11
C VAL A 12 -20.75 8.08 -8.61
N SER A 13 -20.30 9.19 -9.18
CA SER A 13 -20.05 9.24 -10.60
C SER A 13 -18.94 8.27 -10.95
N ARG A 14 -19.02 7.71 -12.16
CA ARG A 14 -18.09 6.70 -12.65
C ARG A 14 -17.69 7.05 -14.07
N PRO A 15 -16.79 8.02 -14.24
CA PRO A 15 -16.30 8.34 -15.58
C PRO A 15 -15.30 7.29 -16.03
N GLY A 16 -15.40 6.92 -17.29
CA GLY A 16 -14.53 5.85 -17.75
C GLY A 16 -14.81 4.53 -17.08
N ARG A 17 -16.00 4.41 -16.46
CA ARG A 17 -16.43 3.16 -15.84
C ARG A 17 -17.96 3.02 -15.81
N GLY A 18 -18.72 3.91 -16.44
CA GLY A 18 -20.18 3.76 -16.50
C GLY A 18 -20.99 5.03 -16.30
N GLU A 19 -22.15 4.91 -15.64
CA GLU A 19 -23.13 5.95 -15.33
C GLU A 19 -23.40 6.00 -13.83
N PRO A 20 -23.80 7.15 -13.28
CA PRO A 20 -23.64 7.36 -11.83
C PRO A 20 -24.50 6.40 -11.00
N ARG A 21 -23.83 5.71 -10.07
CA ARG A 21 -24.49 4.80 -9.15
C ARG A 21 -25.10 5.53 -7.96
N PHE A 22 -26.35 5.19 -7.66
CA PHE A 22 -27.14 5.81 -6.61
C PHE A 22 -27.60 4.71 -5.67
N ILE A 23 -27.33 4.88 -4.39
CA ILE A 23 -27.80 3.97 -3.35
C ILE A 23 -28.48 4.81 -2.28
N ALA A 24 -29.74 4.48 -1.97
CA ALA A 24 -30.47 5.11 -0.87
C ALA A 24 -30.93 4.07 0.15
N VAL A 25 -30.96 4.48 1.41
CA VAL A 25 -31.34 3.61 2.53
C VAL A 25 -32.21 4.40 3.51
N GLY A 26 -33.15 3.70 4.16
CA GLY A 26 -34.04 4.30 5.15
C GLY A 26 -33.88 3.67 6.53
N TYR A 27 -33.84 4.51 7.55
CA TYR A 27 -33.75 4.05 8.92
C TYR A 27 -34.85 4.66 9.78
N VAL A 28 -35.30 3.88 10.75
CA VAL A 28 -36.03 4.41 11.89
C VAL A 28 -35.18 4.11 13.12
N ASP A 29 -34.80 5.16 13.85
CA ASP A 29 -33.81 5.03 14.92
C ASP A 29 -32.59 4.31 14.37
N ASP A 30 -32.31 3.10 14.84
CA ASP A 30 -31.11 2.38 14.43
C ASP A 30 -31.42 1.14 13.61
N THR A 31 -32.63 1.05 13.07
CA THR A 31 -33.07 -0.11 12.31
C THR A 31 -33.31 0.35 10.87
N GLN A 32 -32.57 -0.25 9.93
CA GLN A 32 -32.83 0.01 8.52
C GLN A 32 -34.14 -0.65 8.08
N PHE A 33 -34.81 -0.05 7.10
CA PHE A 33 -36.04 -0.71 6.65
C PHE A 33 -36.28 -0.72 5.15
N VAL A 34 -35.71 0.20 4.37
CA VAL A 34 -35.69 0.07 2.92
C VAL A 34 -34.29 0.34 2.39
N ARG A 35 -33.99 -0.23 1.23
CA ARG A 35 -32.89 0.23 0.38
C ARG A 35 -33.39 0.48 -1.04
N PHE A 36 -32.57 1.20 -1.81
CA PHE A 36 -32.68 1.30 -3.26
C PHE A 36 -31.28 1.37 -3.85
N ASP A 37 -31.07 0.64 -4.93
CA ASP A 37 -29.76 0.50 -5.54
C ASP A 37 -29.93 0.67 -7.03
N SER A 38 -29.30 1.69 -7.59
CA SER A 38 -29.58 1.97 -9.00
C SER A 38 -29.01 0.90 -9.93
N ASP A 39 -28.03 0.12 -9.47
CA ASP A 39 -27.47 -0.94 -10.31
C ASP A 39 -28.20 -2.27 -10.14
N ALA A 40 -28.84 -2.49 -9.00
CA ALA A 40 -29.58 -3.73 -8.80
C ALA A 40 -30.65 -3.90 -9.89
N ALA A 41 -31.02 -5.16 -10.14
CA ALA A 41 -31.87 -5.48 -11.27
C ALA A 41 -33.31 -5.02 -11.04
N SER A 42 -33.82 -5.21 -9.82
CA SER A 42 -35.21 -4.89 -9.51
C SER A 42 -35.60 -3.48 -9.95
N GLN A 43 -34.70 -2.51 -9.77
CA GLN A 43 -35.01 -1.08 -9.90
C GLN A 43 -36.23 -0.72 -9.06
N ARG A 44 -36.21 -1.22 -7.81
CA ARG A 44 -37.31 -1.06 -6.87
C ARG A 44 -36.80 -0.84 -5.46
N MET A 45 -37.45 0.10 -4.75
CA MET A 45 -37.31 0.20 -3.31
C MET A 45 -37.73 -1.12 -2.69
N GLU A 46 -36.84 -1.71 -1.89
CA GLU A 46 -37.11 -3.02 -1.34
C GLU A 46 -37.21 -2.97 0.17
N PRO A 47 -37.93 -3.93 0.77
CA PRO A 47 -38.01 -3.98 2.23
C PRO A 47 -36.73 -4.52 2.84
N ARG A 48 -36.42 -4.02 4.05
CA ARG A 48 -35.24 -4.45 4.80
C ARG A 48 -35.56 -4.76 6.26
N ALA A 49 -36.82 -4.63 6.66
CA ALA A 49 -37.25 -4.96 8.00
C ALA A 49 -38.55 -5.74 7.84
N PRO A 50 -38.88 -6.61 8.80
CA PRO A 50 -40.12 -7.38 8.64
C PRO A 50 -41.35 -6.49 8.73
N TRP A 51 -41.32 -5.43 9.53
CA TRP A 51 -42.53 -4.70 9.82
C TRP A 51 -42.94 -3.75 8.72
N ILE A 52 -42.07 -3.48 7.73
CA ILE A 52 -42.44 -2.66 6.58
C ILE A 52 -43.04 -3.53 5.46
N GLU A 53 -42.84 -4.85 5.52
CA GLU A 53 -43.27 -5.77 4.48
C GLU A 53 -44.79 -5.83 4.38
N GLN A 54 -45.48 -5.13 5.28
CA GLN A 54 -46.93 -5.17 5.33
C GLN A 54 -47.58 -3.95 4.69
N GLU A 55 -46.83 -3.21 3.87
CA GLU A 55 -47.41 -2.10 3.13
C GLU A 55 -47.95 -2.57 1.79
N GLY A 56 -48.96 -1.86 1.30
CA GLY A 56 -49.65 -2.22 0.08
C GLY A 56 -48.77 -2.08 -1.15
N PRO A 57 -49.19 -2.69 -2.25
CA PRO A 57 -48.44 -2.51 -3.49
C PRO A 57 -48.25 -1.05 -3.86
N GLU A 58 -49.16 -0.17 -3.45
CA GLU A 58 -49.08 1.21 -3.92
C GLU A 58 -48.05 2.00 -3.12
N TYR A 59 -47.83 1.66 -1.85
CA TYR A 59 -46.68 2.20 -1.13
C TYR A 59 -45.39 1.95 -1.91
N TRP A 60 -45.16 0.70 -2.31
CA TRP A 60 -43.91 0.36 -2.99
C TRP A 60 -43.80 1.06 -4.34
N ASP A 61 -44.86 1.04 -5.13
CA ASP A 61 -44.88 1.83 -6.36
C ASP A 61 -44.49 3.27 -6.09
N GLU A 62 -45.12 3.88 -5.08
CA GLU A 62 -44.92 5.30 -4.85
C GLU A 62 -43.51 5.56 -4.32
N GLU A 63 -43.05 4.74 -3.37
CA GLU A 63 -41.71 4.96 -2.83
C GLU A 63 -40.65 4.69 -3.90
N THR A 64 -40.86 3.70 -4.76
CA THR A 64 -39.95 3.53 -5.88
C THR A 64 -39.93 4.78 -6.73
N GLY A 65 -41.11 5.33 -7.02
CA GLY A 65 -41.19 6.54 -7.83
C GLY A 65 -40.37 7.69 -7.27
N LYS A 66 -40.49 7.94 -5.97
CA LYS A 66 -39.80 9.09 -5.40
C LYS A 66 -38.29 8.89 -5.41
N VAL A 67 -37.82 7.72 -4.96
CA VAL A 67 -36.38 7.50 -4.88
C VAL A 67 -35.75 7.59 -6.26
N LYS A 68 -36.46 7.09 -7.28
CA LYS A 68 -35.91 7.14 -8.61
C LYS A 68 -35.76 8.58 -9.06
N ALA A 69 -36.74 9.42 -8.73
CA ALA A 69 -36.64 10.83 -9.09
C ALA A 69 -35.43 11.47 -8.39
N HIS A 70 -35.24 11.16 -7.11
CA HIS A 70 -34.09 11.66 -6.37
C HIS A 70 -32.78 11.27 -7.07
N SER A 71 -32.72 10.04 -7.59
CA SER A 71 -31.50 9.57 -8.24
C SER A 71 -31.19 10.37 -9.51
N GLN A 72 -32.23 10.70 -10.29
CA GLN A 72 -32.01 11.56 -11.46
C GLN A 72 -31.63 12.98 -11.04
N THR A 73 -32.18 13.46 -9.93
CA THR A 73 -31.84 14.79 -9.42
C THR A 73 -30.37 14.88 -9.01
N ASP A 74 -29.88 13.91 -8.24
CA ASP A 74 -28.51 13.99 -7.76
C ASP A 74 -27.52 13.60 -8.84
N ARG A 75 -27.97 12.79 -9.81
CA ARG A 75 -27.22 12.64 -11.04
C ARG A 75 -26.90 13.99 -11.63
N GLU A 76 -27.92 14.82 -11.81
CA GLU A 76 -27.68 16.12 -12.43
C GLU A 76 -26.95 17.08 -11.49
N ASN A 77 -27.22 17.03 -10.18
CA ASN A 77 -26.45 17.86 -9.26
C ASN A 77 -24.97 17.49 -9.27
N LEU A 78 -24.66 16.22 -9.53
CA LEU A 78 -23.25 15.84 -9.71
C LEU A 78 -22.63 16.62 -10.85
N ARG A 79 -23.35 16.71 -11.98
CA ARG A 79 -22.84 17.50 -13.10
C ARG A 79 -22.67 18.97 -12.70
N ILE A 80 -23.70 19.55 -12.08
CA ILE A 80 -23.64 20.95 -11.71
C ILE A 80 -22.49 21.20 -10.75
N ALA A 81 -22.25 20.25 -9.83
CA ALA A 81 -21.16 20.42 -8.89
C ALA A 81 -19.81 20.44 -9.61
N LEU A 82 -19.64 19.60 -10.63
CA LEU A 82 -18.37 19.62 -11.36
C LEU A 82 -18.10 21.02 -11.88
N ARG A 83 -19.12 21.62 -12.49
CA ARG A 83 -19.04 22.99 -12.97
C ARG A 83 -18.61 23.95 -11.85
N TYR A 84 -19.37 23.96 -10.74
CA TYR A 84 -19.19 24.98 -9.71
C TYR A 84 -17.78 24.95 -9.13
N TYR A 85 -17.12 23.80 -9.17
CA TYR A 85 -15.77 23.62 -8.63
C TYR A 85 -14.71 23.57 -9.72
N ASN A 86 -15.09 23.83 -10.98
CA ASN A 86 -14.27 23.64 -12.18
C ASN A 86 -13.47 22.37 -12.12
N GLN A 87 -14.12 21.22 -12.12
CA GLN A 87 -13.41 19.98 -12.01
C GLN A 87 -13.52 19.19 -13.30
N SER A 88 -12.49 18.38 -13.57
CA SER A 88 -12.45 17.55 -14.75
C SER A 88 -13.67 16.64 -14.85
N GLU A 89 -14.14 16.42 -16.07
CA GLU A 89 -15.19 15.44 -16.32
C GLU A 89 -14.67 14.02 -16.36
N ALA A 90 -13.51 13.75 -15.77
CA ALA A 90 -12.93 12.42 -15.84
C ALA A 90 -12.79 11.72 -14.49
N GLY A 91 -12.93 12.43 -13.38
CA GLY A 91 -12.74 11.84 -12.08
C GLY A 91 -14.03 11.46 -11.38
N SER A 92 -13.90 10.57 -10.40
CA SER A 92 -15.02 10.07 -9.63
C SER A 92 -15.32 10.99 -8.45
N HIS A 93 -16.61 11.28 -8.23
CA HIS A 93 -17.05 12.17 -7.16
C HIS A 93 -18.27 11.59 -6.47
N THR A 94 -18.58 12.16 -5.30
CA THR A 94 -19.55 11.61 -4.37
C THR A 94 -20.53 12.68 -3.93
N LEU A 95 -21.80 12.51 -4.26
CA LEU A 95 -22.83 13.39 -3.72
C LEU A 95 -23.67 12.59 -2.72
N GLN A 96 -23.68 13.05 -1.48
CA GLN A 96 -24.37 12.37 -0.40
C GLN A 96 -25.46 13.27 0.17
N MET A 97 -26.63 12.69 0.38
CA MET A 97 -27.76 13.46 0.88
C MET A 97 -28.36 12.74 2.07
N MET A 98 -28.83 13.54 3.02
CA MET A 98 -29.55 12.99 4.14
C MET A 98 -30.74 13.90 4.43
N PHE A 99 -31.86 13.31 4.86
CA PHE A 99 -33.05 14.06 5.25
C PHE A 99 -33.93 13.20 6.15
N GLY A 100 -34.86 13.85 6.81
CA GLY A 100 -35.78 13.17 7.69
C GLY A 100 -36.14 14.04 8.86
N CYS A 101 -36.60 13.41 9.94
CA CYS A 101 -37.16 14.17 11.04
C CYS A 101 -37.00 13.40 12.35
N ASP A 102 -37.06 14.15 13.45
CA ASP A 102 -37.24 13.62 14.80
C ASP A 102 -38.62 13.96 15.32
N VAL A 103 -39.09 13.12 16.25
CA VAL A 103 -40.36 13.32 16.93
C VAL A 103 -40.15 13.04 18.41
N GLY A 104 -40.94 13.71 19.25
CA GLY A 104 -40.90 13.51 20.68
C GLY A 104 -41.79 12.36 21.11
N SER A 105 -41.74 12.06 22.40
CA SER A 105 -42.36 10.81 22.84
C SER A 105 -43.88 10.78 22.66
N ASP A 106 -44.52 11.90 22.35
CA ASP A 106 -45.95 11.92 22.01
C ASP A 106 -46.19 11.92 20.50
N GLY A 107 -45.16 12.11 19.69
CA GLY A 107 -45.30 12.08 18.25
C GLY A 107 -45.07 13.41 17.58
N ARG A 108 -44.88 14.48 18.34
CA ARG A 108 -44.80 15.81 17.75
C ARG A 108 -43.45 16.03 17.08
N PHE A 109 -43.48 16.84 16.03
CA PHE A 109 -42.27 17.28 15.39
C PHE A 109 -41.30 17.85 16.41
N LEU A 110 -40.02 17.49 16.27
CA LEU A 110 -38.95 18.16 16.99
C LEU A 110 -38.02 18.93 16.06
N ARG A 111 -37.75 18.38 14.87
CA ARG A 111 -36.60 18.82 14.11
C ARG A 111 -36.63 18.18 12.73
N GLY A 112 -36.25 18.94 11.71
CA GLY A 112 -36.20 18.43 10.35
C GLY A 112 -34.82 18.62 9.76
N TYR A 113 -34.44 17.68 8.89
CA TYR A 113 -33.09 17.71 8.33
C TYR A 113 -33.11 17.56 6.83
N HIS A 114 -32.24 18.31 6.17
CA HIS A 114 -32.07 18.21 4.74
C HIS A 114 -30.66 18.73 4.47
N GLN A 115 -29.75 17.86 4.04
CA GLN A 115 -28.37 18.32 3.92
C GLN A 115 -27.60 17.50 2.89
N TYR A 116 -26.56 18.14 2.39
CA TYR A 116 -25.79 17.67 1.25
C TYR A 116 -24.32 17.77 1.56
N ALA A 117 -23.57 16.77 1.13
CA ALA A 117 -22.11 16.81 1.19
C ALA A 117 -21.57 16.41 -0.17
N TYR A 118 -20.45 17.02 -0.55
CA TYR A 118 -19.81 16.73 -1.81
C TYR A 118 -18.37 16.30 -1.55
N ASP A 119 -17.99 15.14 -2.09
CA ASP A 119 -16.68 14.56 -1.88
C ASP A 119 -16.34 14.51 -0.38
N GLY A 120 -17.37 14.25 0.43
CA GLY A 120 -17.21 14.02 1.85
C GLY A 120 -17.17 15.23 2.76
N LYS A 121 -17.33 16.46 2.25
CA LYS A 121 -17.46 17.62 3.11
C LYS A 121 -18.81 18.29 2.88
N ASP A 122 -19.30 18.96 3.94
CA ASP A 122 -20.54 19.75 3.88
C ASP A 122 -20.68 20.54 2.58
N TYR A 123 -21.85 20.45 1.97
CA TYR A 123 -22.15 21.34 0.86
C TYR A 123 -23.18 22.36 1.31
N ILE A 124 -24.46 21.98 1.35
CA ILE A 124 -25.50 22.88 1.85
C ILE A 124 -26.44 22.10 2.77
N ALA A 125 -26.96 22.80 3.77
CA ALA A 125 -27.79 22.18 4.78
C ALA A 125 -28.89 23.14 5.19
N LEU A 126 -30.04 22.57 5.55
CA LEU A 126 -31.17 23.33 6.05
C LEU A 126 -30.99 23.61 7.55
N LYS A 127 -30.96 24.89 7.91
CA LYS A 127 -30.83 25.21 9.33
C LYS A 127 -32.08 24.75 10.08
N GLU A 128 -32.01 24.83 11.41
CA GLU A 128 -33.07 24.28 12.22
C GLU A 128 -34.41 24.99 12.01
N ASP A 129 -34.39 26.25 11.70
CA ASP A 129 -35.67 26.96 11.54
C ASP A 129 -36.41 26.58 10.28
N LEU A 130 -35.93 25.61 9.50
CA LEU A 130 -36.60 25.17 8.28
C LEU A 130 -36.88 26.34 7.35
N ARG A 131 -36.07 27.38 7.45
CA ARG A 131 -36.31 28.60 6.71
C ARG A 131 -35.08 29.15 6.00
N SER A 132 -33.88 28.76 6.43
CA SER A 132 -32.62 29.29 5.89
C SER A 132 -31.69 28.12 5.58
N TRP A 133 -30.65 28.40 4.79
CA TRP A 133 -29.67 27.39 4.39
C TRP A 133 -28.28 27.75 4.89
N THR A 134 -27.52 26.75 5.32
CA THR A 134 -26.11 26.97 5.64
C THR A 134 -25.25 26.38 4.53
N ALA A 135 -24.59 27.26 3.78
CA ALA A 135 -23.72 26.88 2.68
C ALA A 135 -22.27 26.80 3.15
N ALA A 136 -21.60 25.73 2.76
CA ALA A 136 -20.24 25.49 3.25
C ALA A 136 -19.22 26.42 2.60
N ASP A 137 -19.42 26.80 1.34
CA ASP A 137 -18.38 27.50 0.60
C ASP A 137 -19.00 28.36 -0.47
N MET A 138 -18.13 29.01 -1.26
CA MET A 138 -18.56 29.84 -2.38
C MET A 138 -19.45 29.07 -3.34
N ALA A 139 -19.06 27.82 -3.66
CA ALA A 139 -19.84 27.02 -4.60
C ALA A 139 -21.25 26.78 -4.07
N ALA A 140 -21.36 26.36 -2.81
CA ALA A 140 -22.65 26.20 -2.19
C ALA A 140 -23.37 27.53 -1.91
N GLN A 141 -22.70 28.68 -2.08
CA GLN A 141 -23.41 29.95 -1.99
C GLN A 141 -24.24 30.21 -3.23
N ILE A 142 -23.71 29.86 -4.41
CA ILE A 142 -24.54 29.89 -5.60
C ILE A 142 -25.84 29.16 -5.31
N THR A 143 -25.73 27.97 -4.72
CA THR A 143 -26.92 27.16 -4.50
C THR A 143 -27.83 27.81 -3.46
N LYS A 144 -27.25 28.32 -2.37
CA LYS A 144 -28.03 28.98 -1.35
C LYS A 144 -28.82 30.15 -1.94
N ARG A 145 -28.18 30.92 -2.83
CA ARG A 145 -28.83 32.03 -3.49
C ARG A 145 -29.99 31.55 -4.37
N LYS A 146 -29.71 30.58 -5.25
CA LYS A 146 -30.76 29.99 -6.08
C LYS A 146 -31.96 29.58 -5.23
N TRP A 147 -31.70 28.90 -4.10
CA TRP A 147 -32.77 28.27 -3.35
C TRP A 147 -33.53 29.24 -2.45
N GLU A 148 -32.96 30.41 -2.16
CA GLU A 148 -33.71 31.39 -1.38
C GLU A 148 -34.62 32.21 -2.27
N ALA A 149 -34.11 32.61 -3.43
CA ALA A 149 -34.97 33.25 -4.44
C ALA A 149 -36.19 32.40 -4.70
N ALA A 150 -36.03 31.08 -4.63
CA ALA A 150 -37.02 30.12 -5.04
C ALA A 150 -37.87 29.59 -3.89
N HIS A 151 -37.53 29.96 -2.64
CA HIS A 151 -38.27 29.50 -1.49
C HIS A 151 -38.30 27.98 -1.39
N VAL A 152 -37.17 27.34 -1.72
CA VAL A 152 -37.05 25.88 -1.61
C VAL A 152 -37.37 25.44 -0.19
N ALA A 153 -36.87 26.16 0.80
CA ALA A 153 -37.00 25.70 2.18
C ALA A 153 -38.46 25.69 2.63
N GLU A 154 -39.18 26.78 2.39
CA GLU A 154 -40.57 26.80 2.80
C GLU A 154 -41.33 25.61 2.20
N GLN A 155 -41.01 25.27 0.95
CA GLN A 155 -41.68 24.17 0.26
C GLN A 155 -41.27 22.79 0.76
N GLN A 156 -40.18 22.68 1.50
CA GLN A 156 -39.86 21.40 2.11
C GLN A 156 -40.63 21.18 3.40
N ARG A 157 -41.22 22.22 3.95
CA ARG A 157 -41.73 22.15 5.31
C ARG A 157 -42.96 21.24 5.39
N ALA A 158 -43.71 21.12 4.30
CA ALA A 158 -44.82 20.18 4.31
C ALA A 158 -44.32 18.77 4.57
N TYR A 159 -43.25 18.38 3.88
CA TYR A 159 -42.73 17.04 4.09
C TYR A 159 -42.19 16.89 5.50
N LEU A 160 -41.32 17.81 5.91
CA LEU A 160 -40.58 17.64 7.15
C LEU A 160 -41.50 17.49 8.33
N GLU A 161 -42.44 18.41 8.48
CA GLU A 161 -43.31 18.43 9.64
C GLU A 161 -44.61 17.66 9.42
N GLY A 162 -44.79 17.04 8.26
CA GLY A 162 -46.03 16.34 7.99
C GLY A 162 -45.80 14.90 7.57
N THR A 163 -45.52 14.70 6.27
CA THR A 163 -45.26 13.37 5.75
C THR A 163 -44.22 12.62 6.58
N CYS A 164 -43.12 13.30 6.93
CA CYS A 164 -42.04 12.64 7.63
C CYS A 164 -42.51 12.17 9.00
N VAL A 165 -43.10 13.07 9.79
CA VAL A 165 -43.57 12.68 11.11
C VAL A 165 -44.69 11.63 10.98
N ASP A 166 -45.63 11.83 10.07
CA ASP A 166 -46.76 10.91 9.95
C ASP A 166 -46.28 9.50 9.64
N GLY A 167 -45.38 9.37 8.64
CA GLY A 167 -44.81 8.07 8.34
C GLY A 167 -44.04 7.49 9.52
N LEU A 168 -43.22 8.33 10.16
CA LEU A 168 -42.51 7.87 11.36
C LEU A 168 -43.50 7.34 12.38
N ARG A 169 -44.55 8.13 12.69
CA ARG A 169 -45.58 7.64 13.61
C ARG A 169 -46.19 6.32 13.13
N ARG A 170 -46.54 6.22 11.83
CA ARG A 170 -47.11 4.96 11.36
C ARG A 170 -46.09 3.82 11.44
N TYR A 171 -44.79 4.11 11.33
CA TYR A 171 -43.80 3.05 11.44
C TYR A 171 -43.67 2.56 12.88
N LEU A 172 -43.65 3.47 13.84
CA LEU A 172 -43.50 3.07 15.23
C LEU A 172 -44.66 2.21 15.70
N GLU A 173 -45.84 2.37 15.09
CA GLU A 173 -46.94 1.49 15.48
C GLU A 173 -46.78 0.12 14.84
N ASN A 174 -46.72 0.06 13.50
CA ASN A 174 -46.63 -1.22 12.81
C ASN A 174 -45.36 -1.97 13.12
N GLY A 175 -44.34 -1.28 13.65
CA GLY A 175 -43.12 -1.91 14.09
C GLY A 175 -42.93 -1.93 15.59
N LYS A 176 -43.97 -1.63 16.37
CA LYS A 176 -43.88 -1.53 17.83
C LYS A 176 -43.03 -2.62 18.46
N GLU A 177 -43.35 -3.89 18.19
CA GLU A 177 -42.68 -5.00 18.86
C GLU A 177 -41.16 -4.97 18.68
N THR A 178 -40.68 -4.39 17.59
CA THR A 178 -39.24 -4.36 17.32
C THR A 178 -38.63 -2.98 17.45
N LEU A 179 -39.39 -1.90 17.22
CA LEU A 179 -38.85 -0.54 17.23
C LEU A 179 -39.07 0.20 18.54
N GLN A 180 -39.97 -0.26 19.38
CA GLN A 180 -40.13 0.32 20.71
C GLN A 180 -39.60 -0.61 21.78
N ARG A 181 -38.88 -1.65 21.37
CA ARG A 181 -38.17 -2.47 22.33
C ARG A 181 -36.94 -1.74 22.83
N THR A 182 -36.51 -2.10 24.03
CA THR A 182 -35.25 -1.61 24.56
C THR A 182 -34.55 -2.83 25.14
N ASP A 183 -33.40 -3.19 24.53
CA ASP A 183 -32.67 -4.39 24.90
C ASP A 183 -31.42 -3.99 25.67
N PRO A 184 -31.36 -4.28 26.97
CA PRO A 184 -30.24 -3.81 27.77
C PRO A 184 -28.98 -4.58 27.45
N PRO A 185 -27.80 -3.98 27.66
CA PRO A 185 -26.53 -4.65 27.35
C PRO A 185 -26.27 -5.86 28.23
N LYS A 186 -25.91 -6.96 27.60
CA LYS A 186 -25.27 -8.06 28.30
C LYS A 186 -23.80 -7.70 28.51
N THR A 187 -23.36 -7.60 29.75
CA THR A 187 -22.00 -7.17 30.04
C THR A 187 -21.17 -8.29 30.66
N HIS A 188 -19.85 -8.24 30.39
CA HIS A 188 -18.87 -9.08 31.07
C HIS A 188 -17.49 -8.43 30.94
N MET A 189 -16.52 -8.99 31.65
CA MET A 189 -15.16 -8.50 31.65
C MET A 189 -14.21 -9.61 31.28
N THR A 190 -13.17 -9.24 30.53
CA THR A 190 -12.04 -10.11 30.25
C THR A 190 -10.77 -9.48 30.79
N HIS A 191 -9.73 -10.31 30.85
CA HIS A 191 -8.53 -9.95 31.60
C HIS A 191 -7.38 -10.78 31.07
N HIS A 192 -6.41 -10.12 30.45
CA HIS A 192 -5.31 -10.80 29.77
C HIS A 192 -3.98 -10.22 30.24
N PRO A 193 -3.15 -11.00 30.91
CA PRO A 193 -1.77 -10.57 31.19
C PRO A 193 -1.06 -10.15 29.91
N ILE A 194 -0.36 -9.02 29.97
CA ILE A 194 0.38 -8.49 28.84
C ILE A 194 1.88 -8.65 29.04
N SER A 195 2.32 -8.51 30.29
CA SER A 195 3.71 -8.70 30.63
C SER A 195 3.75 -9.15 32.09
N ASP A 196 4.97 -9.28 32.62
CA ASP A 196 5.14 -9.69 34.00
C ASP A 196 4.36 -8.81 34.96
N HIS A 197 4.08 -7.55 34.55
CA HIS A 197 3.55 -6.55 35.46
C HIS A 197 2.38 -5.75 34.89
N GLU A 198 1.86 -6.09 33.71
CA GLU A 198 0.79 -5.32 33.09
C GLU A 198 -0.33 -6.24 32.62
N ALA A 199 -1.55 -5.72 32.71
CA ALA A 199 -2.74 -6.48 32.36
C ALA A 199 -3.72 -5.61 31.58
N THR A 200 -4.46 -6.24 30.66
CA THR A 200 -5.56 -5.59 29.97
C THR A 200 -6.86 -6.03 30.63
N LEU A 201 -7.67 -5.06 31.05
CA LEU A 201 -9.06 -5.31 31.40
C LEU A 201 -9.91 -4.77 30.28
N ARG A 202 -10.83 -5.58 29.76
CA ARG A 202 -11.72 -5.15 28.70
C ARG A 202 -13.18 -5.33 29.12
N CYS A 203 -13.92 -4.23 29.08
CA CYS A 203 -15.33 -4.19 29.46
C CYS A 203 -16.20 -4.37 28.21
N TRP A 204 -17.02 -5.41 28.18
CA TRP A 204 -17.82 -5.76 27.01
C TRP A 204 -19.29 -5.42 27.22
N ALA A 205 -19.93 -4.86 26.20
CA ALA A 205 -21.37 -4.67 26.18
C ALA A 205 -21.92 -5.28 24.91
N LEU A 206 -22.78 -6.29 25.04
CA LEU A 206 -23.29 -7.05 23.92
C LEU A 206 -24.81 -6.97 23.86
N GLY A 207 -25.34 -7.21 22.66
CA GLY A 207 -26.76 -7.43 22.46
C GLY A 207 -27.68 -6.28 22.81
N PHE A 208 -27.20 -5.03 22.78
CA PHE A 208 -28.08 -3.94 23.16
C PHE A 208 -28.72 -3.29 21.94
N TYR A 209 -29.87 -2.65 22.19
CA TYR A 209 -30.61 -1.84 21.24
C TYR A 209 -31.29 -0.80 22.10
N PRO A 210 -31.30 0.47 21.69
CA PRO A 210 -30.63 1.04 20.51
C PRO A 210 -29.12 1.22 20.69
N ALA A 211 -28.48 1.76 19.65
CA ALA A 211 -27.02 1.75 19.55
C ALA A 211 -26.38 2.62 20.64
N GLU A 212 -27.00 3.76 20.95
CA GLU A 212 -26.47 4.68 21.94
C GLU A 212 -26.08 3.95 23.21
N ILE A 213 -24.87 4.20 23.69
CA ILE A 213 -24.37 3.60 24.91
C ILE A 213 -23.15 4.40 25.34
N THR A 214 -22.82 4.30 26.63
CA THR A 214 -21.61 4.93 27.13
C THR A 214 -20.91 3.94 28.06
N LEU A 215 -19.60 3.78 27.84
CA LEU A 215 -18.71 2.95 28.66
C LEU A 215 -17.52 3.80 29.05
N THR A 216 -17.31 3.96 30.35
CA THR A 216 -16.16 4.71 30.85
C THR A 216 -15.49 3.91 31.96
N TRP A 217 -14.17 4.02 31.98
CA TRP A 217 -13.36 3.39 33.02
C TRP A 217 -13.02 4.42 34.09
N GLN A 218 -13.11 4.01 35.34
CA GLN A 218 -12.59 4.80 36.44
C GLN A 218 -11.43 4.07 37.11
N ARG A 219 -10.53 4.86 37.68
CA ARG A 219 -9.51 4.36 38.58
C ARG A 219 -9.76 5.04 39.91
N ASP A 220 -10.11 4.24 40.92
CA ASP A 220 -10.40 4.74 42.26
C ASP A 220 -11.41 5.87 42.22
N GLY A 221 -12.37 5.77 41.30
CA GLY A 221 -13.45 6.71 41.18
C GLY A 221 -13.21 7.86 40.22
N GLU A 222 -11.99 8.02 39.73
CA GLU A 222 -11.66 9.11 38.82
C GLU A 222 -11.77 8.61 37.38
N ASP A 223 -12.38 9.40 36.52
CA ASP A 223 -12.46 9.04 35.13
C ASP A 223 -11.06 8.83 34.58
N GLN A 224 -10.77 7.63 34.13
CA GLN A 224 -9.57 7.39 33.35
C GLN A 224 -9.94 7.55 31.89
N THR A 225 -9.24 8.44 31.20
CA THR A 225 -9.73 8.96 29.95
C THR A 225 -8.77 8.77 28.78
N GLN A 226 -7.48 8.63 29.03
CA GLN A 226 -6.48 8.51 27.97
C GLN A 226 -5.83 7.13 27.92
N ASP A 227 -5.71 6.45 29.06
CA ASP A 227 -5.24 5.06 29.03
C ASP A 227 -6.28 4.11 28.42
N THR A 228 -7.47 4.61 28.08
CA THR A 228 -8.58 3.78 27.66
C THR A 228 -8.67 3.67 26.14
N GLU A 229 -8.68 2.43 25.65
CA GLU A 229 -8.99 2.14 24.27
C GLU A 229 -10.49 1.86 24.15
N LEU A 230 -11.10 2.42 23.11
CA LEU A 230 -12.56 2.41 22.93
C LEU A 230 -12.88 2.11 21.48
N VAL A 231 -13.71 1.09 21.22
CA VAL A 231 -14.07 0.80 19.84
C VAL A 231 -15.37 1.50 19.47
N GLU A 232 -15.49 1.79 18.18
CA GLU A 232 -16.76 2.23 17.61
C GLU A 232 -17.81 1.16 17.82
N THR A 233 -18.97 1.59 18.29
CA THR A 233 -20.12 0.69 18.43
C THR A 233 -20.40 0.01 17.10
N ARG A 234 -20.46 -1.31 17.12
CA ARG A 234 -20.56 -2.10 15.91
C ARG A 234 -21.86 -2.90 15.94
N PRO A 235 -22.35 -3.33 14.78
CA PRO A 235 -23.57 -4.16 14.75
C PRO A 235 -23.26 -5.64 14.81
N ALA A 236 -24.05 -6.34 15.61
CA ALA A 236 -23.91 -7.80 15.68
C ALA A 236 -24.36 -8.47 14.40
N GLY A 237 -25.22 -7.82 13.62
CA GLY A 237 -25.80 -8.42 12.44
C GLY A 237 -27.20 -8.96 12.63
N ASP A 238 -27.67 -9.07 13.88
CA ASP A 238 -29.03 -9.47 14.21
C ASP A 238 -29.87 -8.30 14.73
N GLY A 239 -29.46 -7.08 14.44
CA GLY A 239 -30.20 -5.93 14.89
C GLY A 239 -29.77 -5.34 16.23
N THR A 240 -28.93 -6.02 17.00
CA THR A 240 -28.34 -5.37 18.16
C THR A 240 -26.89 -4.95 17.87
N PHE A 241 -26.26 -4.37 18.89
CA PHE A 241 -24.97 -3.70 18.76
C PHE A 241 -24.02 -4.16 19.86
N GLN A 242 -22.72 -3.99 19.60
CA GLN A 242 -21.68 -4.36 20.54
C GLN A 242 -20.74 -3.18 20.75
N LYS A 243 -20.01 -3.22 21.86
CA LYS A 243 -18.95 -2.26 22.10
C LYS A 243 -18.09 -2.75 23.25
N TRP A 244 -16.82 -2.34 23.27
CA TRP A 244 -16.00 -2.62 24.43
C TRP A 244 -15.04 -1.47 24.71
N ALA A 245 -14.55 -1.45 25.94
CA ALA A 245 -13.62 -0.45 26.45
C ALA A 245 -12.55 -1.20 27.22
N ALA A 246 -11.29 -0.90 26.95
CA ALA A 246 -10.22 -1.61 27.61
C ALA A 246 -9.24 -0.63 28.23
N VAL A 247 -8.73 -0.98 29.40
CA VAL A 247 -7.58 -0.28 29.95
C VAL A 247 -6.44 -1.26 30.21
N VAL A 248 -5.22 -0.77 30.09
CA VAL A 248 -4.04 -1.50 30.55
C VAL A 248 -3.75 -1.08 31.99
N VAL A 249 -3.60 -2.06 32.86
CA VAL A 249 -3.58 -1.83 34.29
C VAL A 249 -2.29 -2.44 34.86
N PRO A 250 -1.70 -1.88 35.92
CA PRO A 250 -0.58 -2.58 36.55
C PRO A 250 -1.07 -3.85 37.21
N SER A 251 -0.30 -4.92 37.03
CA SER A 251 -0.64 -6.22 37.62
C SER A 251 -0.95 -6.04 39.10
N GLY A 252 -1.96 -6.75 39.58
CA GLY A 252 -2.30 -6.68 40.99
C GLY A 252 -3.10 -5.47 41.40
N GLU A 253 -3.35 -4.52 40.50
CA GLU A 253 -4.17 -3.36 40.82
C GLU A 253 -5.52 -3.42 40.16
N GLU A 254 -5.92 -4.58 39.65
CA GLU A 254 -7.18 -4.73 38.95
C GLU A 254 -8.36 -4.22 39.77
N GLN A 255 -8.33 -4.45 41.08
CA GLN A 255 -9.48 -4.06 41.91
C GLN A 255 -9.66 -2.55 41.91
N ARG A 256 -8.59 -1.82 41.61
CA ARG A 256 -8.66 -0.37 41.64
C ARG A 256 -9.56 0.19 40.57
N TYR A 257 -9.91 -0.60 39.55
CA TYR A 257 -10.60 -0.05 38.40
C TYR A 257 -12.05 -0.51 38.38
N THR A 258 -12.92 0.34 37.82
CA THR A 258 -14.30 -0.04 37.58
C THR A 258 -14.76 0.50 36.23
N CYS A 259 -15.63 -0.27 35.60
CA CYS A 259 -16.22 0.10 34.32
C CYS A 259 -17.71 0.39 34.51
N HIS A 260 -18.21 1.41 33.81
CA HIS A 260 -19.55 1.95 34.03
C HIS A 260 -20.33 1.94 32.73
N VAL A 261 -21.54 1.39 32.76
CA VAL A 261 -22.35 1.13 31.58
C VAL A 261 -23.64 1.91 31.73
N GLN A 262 -23.82 2.93 30.91
CA GLN A 262 -25.09 3.64 30.81
C GLN A 262 -25.73 3.31 29.47
N HIS A 263 -26.97 2.80 29.53
CA HIS A 263 -27.80 2.50 28.36
C HIS A 263 -29.25 2.71 28.76
N GLU A 264 -30.07 3.24 27.85
CA GLU A 264 -31.43 3.57 28.25
C GLU A 264 -32.26 2.34 28.59
N GLY A 265 -31.79 1.13 28.30
CA GLY A 265 -32.44 -0.08 28.76
C GLY A 265 -32.08 -0.53 30.16
N LEU A 266 -31.27 0.25 30.86
CA LEU A 266 -30.83 -0.14 32.18
C LEU A 266 -31.47 0.78 33.20
N PRO A 267 -32.22 0.24 34.16
CA PRO A 267 -32.80 1.09 35.21
C PRO A 267 -31.75 1.97 35.85
N LYS A 268 -30.73 1.33 36.43
CA LYS A 268 -29.56 1.92 37.05
C LYS A 268 -28.31 1.59 36.25
N PRO A 269 -27.38 2.53 36.12
CA PRO A 269 -26.09 2.21 35.49
C PRO A 269 -25.40 1.04 36.18
N LEU A 270 -24.74 0.20 35.38
CA LEU A 270 -24.03 -0.95 35.90
C LEU A 270 -22.58 -0.61 36.18
N THR A 271 -22.07 -1.04 37.32
CA THR A 271 -20.64 -0.91 37.60
C THR A 271 -20.02 -2.29 37.73
N LEU A 272 -18.94 -2.53 36.97
CA LEU A 272 -18.32 -3.85 36.86
C LEU A 272 -16.89 -3.78 37.37
N ARG A 273 -16.49 -4.78 38.17
CA ARG A 273 -15.17 -4.79 38.78
C ARG A 273 -14.57 -6.20 38.74
N TRP A 274 -13.38 -6.33 38.15
CA TRP A 274 -12.74 -7.64 38.11
C TRP A 274 -12.40 -8.04 39.55
N MET B 1 -10.18 16.66 -2.21
CA MET B 1 -10.95 16.31 -1.03
C MET B 1 -10.21 15.33 -0.12
N ILE B 2 -10.43 15.47 1.19
CA ILE B 2 -9.80 14.54 2.12
C ILE B 2 -10.46 13.18 1.97
N GLN B 3 -9.63 12.15 1.93
CA GLN B 3 -10.08 10.78 2.08
C GLN B 3 -9.93 10.37 3.55
N ARG B 4 -10.72 9.40 3.97
CA ARG B 4 -10.58 8.85 5.31
C ARG B 4 -10.36 7.36 5.19
N THR B 5 -9.44 6.85 6.01
CA THR B 5 -9.09 5.45 6.15
C THR B 5 -10.18 4.72 6.91
N PRO B 6 -10.50 3.49 6.52
CA PRO B 6 -11.49 2.72 7.27
C PRO B 6 -10.95 2.25 8.60
N LYS B 7 -11.82 2.26 9.60
CA LYS B 7 -11.60 1.57 10.85
C LYS B 7 -12.20 0.18 10.73
N ILE B 8 -11.40 -0.84 10.98
CA ILE B 8 -11.74 -2.22 10.66
C ILE B 8 -11.92 -3.00 11.95
N GLN B 9 -13.06 -3.64 12.09
CA GLN B 9 -13.25 -4.52 13.23
C GLN B 9 -13.72 -5.86 12.71
N VAL B 10 -13.09 -6.91 13.18
CA VAL B 10 -13.48 -8.26 12.85
C VAL B 10 -13.81 -8.98 14.14
N TYR B 11 -14.92 -9.72 14.13
CA TYR B 11 -15.47 -10.25 15.37
C TYR B 11 -16.56 -11.23 15.03
N SER B 12 -16.94 -12.01 16.02
CA SER B 12 -18.10 -12.89 15.90
C SER B 12 -19.33 -12.23 16.50
N ARG B 13 -20.50 -12.66 16.01
CA ARG B 13 -21.76 -12.16 16.56
C ARG B 13 -21.94 -12.56 18.02
N HIS B 14 -21.48 -13.74 18.39
CA HIS B 14 -21.51 -14.22 19.76
C HIS B 14 -20.12 -14.66 20.17
N PRO B 15 -19.85 -14.76 21.46
CA PRO B 15 -18.53 -15.26 21.88
C PRO B 15 -18.27 -16.63 21.27
N ALA B 16 -17.07 -16.80 20.73
CA ALA B 16 -16.73 -18.03 20.04
C ALA B 16 -16.72 -19.22 20.99
N GLU B 17 -17.30 -20.32 20.52
CA GLU B 17 -17.17 -21.61 21.18
C GLU B 17 -17.11 -22.63 20.06
N ASN B 18 -15.96 -23.26 19.89
CA ASN B 18 -15.77 -24.22 18.81
C ASN B 18 -16.91 -25.22 18.79
N GLY B 19 -17.41 -25.50 17.58
CA GLY B 19 -18.49 -26.45 17.46
C GLY B 19 -19.81 -25.83 17.05
N LYS B 20 -20.20 -24.72 17.68
CA LYS B 20 -21.51 -24.12 17.42
C LYS B 20 -21.42 -23.03 16.36
N SER B 21 -22.41 -23.02 15.48
CA SER B 21 -22.48 -22.04 14.40
C SER B 21 -22.50 -20.63 14.98
N ASN B 22 -22.07 -19.69 14.15
CA ASN B 22 -21.86 -18.32 14.57
C ASN B 22 -21.83 -17.50 13.29
N PHE B 23 -21.64 -16.20 13.43
CA PHE B 23 -21.38 -15.34 12.30
C PHE B 23 -20.02 -14.70 12.51
N LEU B 24 -19.29 -14.55 11.42
CA LEU B 24 -18.03 -13.81 11.41
C LEU B 24 -18.31 -12.46 10.79
N ASN B 25 -17.95 -11.40 11.50
CA ASN B 25 -18.29 -10.03 11.11
C ASN B 25 -17.03 -9.23 10.80
N CYS B 26 -17.07 -8.45 9.72
CA CYS B 26 -16.04 -7.45 9.44
C CYS B 26 -16.74 -6.12 9.25
N TYR B 27 -16.46 -5.20 10.14
CA TYR B 27 -17.11 -3.90 10.16
C TYR B 27 -16.06 -2.86 9.80
N VAL B 28 -16.25 -2.23 8.64
CA VAL B 28 -15.46 -1.09 8.21
C VAL B 28 -16.28 0.17 8.45
N SER B 29 -15.66 1.18 9.06
CA SER B 29 -16.41 2.41 9.28
C SER B 29 -15.48 3.59 9.17
N GLY B 30 -16.08 4.77 9.05
CA GLY B 30 -15.37 6.02 9.05
C GLY B 30 -14.48 6.29 7.85
N PHE B 31 -14.83 5.77 6.66
CA PHE B 31 -13.96 5.89 5.50
C PHE B 31 -14.64 6.71 4.41
N HIS B 32 -13.82 7.13 3.42
CA HIS B 32 -14.22 7.90 2.26
C HIS B 32 -13.09 7.90 1.23
N PRO B 33 -13.37 7.78 -0.08
CA PRO B 33 -14.66 7.57 -0.75
C PRO B 33 -15.28 6.19 -0.49
N SER B 34 -16.50 5.94 -0.96
CA SER B 34 -17.20 4.73 -0.59
C SER B 34 -16.62 3.49 -1.25
N ASP B 35 -15.85 3.66 -2.33
CA ASP B 35 -15.30 2.52 -3.06
C ASP B 35 -14.36 1.72 -2.17
N ILE B 36 -14.70 0.47 -1.91
CA ILE B 36 -13.93 -0.36 -1.00
C ILE B 36 -14.13 -1.81 -1.37
N GLU B 37 -13.06 -2.60 -1.22
CA GLU B 37 -13.15 -4.05 -1.32
C GLU B 37 -12.84 -4.65 0.03
N VAL B 38 -13.69 -5.58 0.47
CA VAL B 38 -13.58 -6.21 1.78
C VAL B 38 -13.78 -7.71 1.63
N ASP B 39 -12.86 -8.50 2.17
CA ASP B 39 -12.88 -9.94 1.99
C ASP B 39 -12.55 -10.67 3.27
N LEU B 40 -13.26 -11.76 3.51
CA LEU B 40 -13.00 -12.60 4.67
C LEU B 40 -12.16 -13.80 4.26
N LEU B 41 -11.16 -14.12 5.08
CA LEU B 41 -10.23 -15.19 4.76
C LEU B 41 -10.31 -16.31 5.80
N LYS B 42 -10.42 -17.55 5.31
CA LYS B 42 -10.27 -18.77 6.12
C LYS B 42 -8.92 -19.39 5.77
N ASN B 43 -7.99 -19.37 6.72
CA ASN B 43 -6.64 -19.87 6.48
C ASN B 43 -6.07 -19.28 5.21
N GLY B 44 -6.15 -17.95 5.11
CA GLY B 44 -5.59 -17.25 3.96
C GLY B 44 -6.38 -17.33 2.68
N GLU B 45 -7.49 -18.04 2.64
CA GLU B 45 -8.25 -18.17 1.41
C GLU B 45 -9.57 -17.40 1.51
N ARG B 46 -9.89 -16.69 0.45
CA ARG B 46 -11.06 -15.82 0.42
C ARG B 46 -12.34 -16.63 0.51
N ILE B 47 -13.15 -16.37 1.54
CA ILE B 47 -14.44 -17.03 1.66
C ILE B 47 -15.36 -16.53 0.56
N GLU B 48 -15.93 -17.47 -0.18
CA GLU B 48 -16.98 -17.15 -1.15
C GLU B 48 -18.31 -17.01 -0.42
N LYS B 49 -19.29 -16.43 -1.10
CA LYS B 49 -20.59 -16.21 -0.47
C LYS B 49 -20.43 -15.46 0.86
N VAL B 50 -19.97 -14.23 0.75
CA VAL B 50 -20.01 -13.29 1.85
C VAL B 50 -21.10 -12.29 1.55
N GLU B 51 -21.89 -11.95 2.55
CA GLU B 51 -22.89 -10.92 2.42
C GLU B 51 -22.39 -9.63 3.08
N HIS B 52 -23.01 -8.52 2.68
CA HIS B 52 -22.66 -7.22 3.22
C HIS B 52 -23.92 -6.35 3.25
N SER B 53 -23.87 -5.34 4.10
CA SER B 53 -25.00 -4.44 4.29
C SER B 53 -25.08 -3.43 3.16
N ASP B 54 -26.20 -2.71 3.13
CA ASP B 54 -26.39 -1.63 2.15
C ASP B 54 -25.59 -0.42 2.56
N LEU B 55 -24.93 0.22 1.59
CA LEU B 55 -24.02 1.32 1.91
C LEU B 55 -24.77 2.45 2.63
N SER B 56 -24.29 2.82 3.81
CA SER B 56 -24.86 3.87 4.64
C SER B 56 -23.73 4.79 5.09
N PHE B 57 -24.07 5.85 5.84
CA PHE B 57 -23.04 6.76 6.32
C PHE B 57 -23.48 7.46 7.60
N SER B 58 -22.49 7.97 8.34
CA SER B 58 -22.64 8.53 9.68
C SER B 58 -22.87 10.04 9.60
N LYS B 59 -23.06 10.65 10.77
CA LYS B 59 -23.22 12.10 10.89
C LYS B 59 -22.17 12.86 10.10
N ASP B 60 -20.88 12.47 10.27
CA ASP B 60 -19.80 13.13 9.56
C ASP B 60 -19.66 12.69 8.09
N TRP B 61 -20.67 12.04 7.52
CA TRP B 61 -20.71 11.57 6.13
C TRP B 61 -19.71 10.46 5.82
N SER B 62 -18.99 9.93 6.81
CA SER B 62 -18.12 8.80 6.52
C SER B 62 -18.97 7.54 6.42
N PHE B 63 -18.50 6.61 5.62
CA PHE B 63 -19.26 5.42 5.29
C PHE B 63 -18.93 4.26 6.21
N TYR B 64 -19.88 3.33 6.31
CA TYR B 64 -19.67 2.08 7.02
C TYR B 64 -20.40 0.97 6.26
N LEU B 65 -19.83 -0.23 6.33
CA LEU B 65 -20.42 -1.42 5.79
C LEU B 65 -20.17 -2.55 6.79
N LEU B 66 -21.13 -3.46 6.90
CA LEU B 66 -20.91 -4.70 7.63
C LEU B 66 -20.82 -5.83 6.62
N TYR B 67 -19.72 -6.58 6.68
CA TYR B 67 -19.51 -7.80 5.91
C TYR B 67 -19.56 -8.96 6.89
N TYR B 68 -20.20 -10.05 6.49
CA TYR B 68 -20.44 -11.15 7.42
C TYR B 68 -20.65 -12.43 6.66
N THR B 69 -20.57 -13.53 7.39
CA THR B 69 -20.83 -14.86 6.85
C THR B 69 -21.17 -15.78 8.01
N GLU B 70 -22.08 -16.71 7.77
CA GLU B 70 -22.24 -17.82 8.69
C GLU B 70 -20.94 -18.60 8.74
N PHE B 71 -20.58 -19.11 9.91
CA PHE B 71 -19.43 -20.00 10.00
C PHE B 71 -19.45 -20.71 11.34
N THR B 72 -18.56 -21.68 11.48
CA THR B 72 -18.46 -22.47 12.71
C THR B 72 -17.01 -22.49 13.17
N PRO B 73 -16.67 -21.75 14.23
CA PRO B 73 -15.30 -21.76 14.73
C PRO B 73 -14.82 -23.18 15.04
N THR B 74 -13.58 -23.45 14.67
CA THR B 74 -12.89 -24.68 15.01
C THR B 74 -11.57 -24.32 15.64
N GLU B 75 -11.05 -25.24 16.46
CA GLU B 75 -9.87 -24.90 17.23
C GLU B 75 -8.64 -24.68 16.36
N LYS B 76 -8.63 -25.17 15.12
CA LYS B 76 -7.46 -25.02 14.26
C LYS B 76 -7.59 -23.96 13.18
N ASP B 77 -8.81 -23.52 12.84
CA ASP B 77 -8.98 -22.60 11.72
C ASP B 77 -8.76 -21.15 12.15
N GLU B 78 -8.13 -20.38 11.26
CA GLU B 78 -7.85 -18.97 11.52
C GLU B 78 -8.69 -18.10 10.59
N TYR B 79 -9.01 -16.91 11.07
CA TYR B 79 -9.90 -16.04 10.31
C TYR B 79 -9.32 -14.64 10.27
N ALA B 80 -9.54 -13.97 9.13
CA ALA B 80 -9.10 -12.59 8.98
C ALA B 80 -10.00 -11.88 7.97
N CYS B 81 -9.97 -10.57 8.02
CA CYS B 81 -10.65 -9.73 7.06
C CYS B 81 -9.61 -8.89 6.33
N ARG B 82 -9.78 -8.76 5.01
CA ARG B 82 -8.84 -8.05 4.16
C ARG B 82 -9.57 -6.87 3.50
N VAL B 83 -9.13 -5.67 3.86
CA VAL B 83 -9.75 -4.44 3.39
C VAL B 83 -8.83 -3.80 2.38
N ASN B 84 -9.41 -3.38 1.26
CA ASN B 84 -8.69 -2.80 0.15
C ASN B 84 -9.33 -1.45 -0.15
N HIS B 85 -8.68 -0.37 0.26
CA HIS B 85 -9.18 0.99 0.09
C HIS B 85 -8.06 1.87 -0.48
N VAL B 86 -8.47 2.94 -1.16
CA VAL B 86 -7.50 3.78 -1.85
C VAL B 86 -6.47 4.37 -0.89
N THR B 87 -6.81 4.52 0.39
CA THR B 87 -5.92 5.12 1.40
C THR B 87 -4.95 4.13 2.03
N LEU B 88 -4.91 2.88 1.59
CA LEU B 88 -4.04 1.87 2.17
C LEU B 88 -3.04 1.46 1.09
N SER B 89 -1.77 1.84 1.27
CA SER B 89 -0.81 1.55 0.21
C SER B 89 -0.72 0.06 -0.07
N GLN B 90 -1.06 -0.79 0.90
CA GLN B 90 -1.36 -2.18 0.64
C GLN B 90 -2.64 -2.56 1.37
N PRO B 91 -3.35 -3.59 0.92
CA PRO B 91 -4.51 -4.08 1.66
C PRO B 91 -4.21 -4.35 3.12
N LYS B 92 -5.12 -3.95 3.99
CA LYS B 92 -4.99 -4.25 5.41
C LYS B 92 -5.69 -5.56 5.75
N ILE B 93 -4.98 -6.41 6.49
CA ILE B 93 -5.51 -7.68 6.96
C ILE B 93 -5.53 -7.64 8.48
N VAL B 94 -6.71 -7.82 9.07
CA VAL B 94 -6.85 -7.88 10.52
C VAL B 94 -7.23 -9.30 10.87
N LYS B 95 -6.44 -9.94 11.72
CA LYS B 95 -6.76 -11.29 12.10
C LYS B 95 -7.93 -11.29 13.07
N TRP B 96 -8.60 -12.43 13.16
CA TRP B 96 -9.68 -12.62 14.13
C TRP B 96 -9.09 -12.99 15.49
N ASP B 97 -9.18 -12.07 16.44
CA ASP B 97 -8.89 -12.31 17.83
C ASP B 97 -10.22 -12.53 18.53
N ARG B 98 -10.48 -13.76 18.98
CA ARG B 98 -11.78 -14.11 19.57
C ARG B 98 -12.25 -13.16 20.68
N ASP B 99 -11.37 -12.28 21.17
CA ASP B 99 -11.75 -11.29 22.17
C ASP B 99 -11.42 -9.86 21.73
N MET B 100 -11.03 -9.64 20.48
CA MET B 100 -10.60 -8.32 19.95
C MET B 100 -9.35 -7.72 20.60
N ASN C 1 -41.65 7.30 4.56
CA ASN C 1 -41.99 7.86 3.25
C ASN C 1 -40.93 8.78 2.75
N TYR C 2 -40.45 8.51 1.54
CA TYR C 2 -39.46 9.36 0.91
C TYR C 2 -40.07 10.72 0.57
N ASP C 3 -39.19 11.61 0.11
CA ASP C 3 -39.50 12.95 -0.36
C ASP C 3 -39.61 12.96 -1.89
N TYR C 4 -40.29 13.99 -2.40
CA TYR C 4 -40.30 14.31 -3.83
C TYR C 4 -39.28 15.41 -4.03
N TRP C 5 -38.07 15.04 -4.44
CA TRP C 5 -36.94 15.97 -4.45
C TRP C 5 -36.44 16.20 -5.89
N TYR C 6 -36.60 17.43 -6.37
CA TYR C 6 -36.22 17.82 -7.72
C TYR C 6 -35.37 19.09 -7.81
N ARG C 7 -34.94 19.68 -6.69
CA ARG C 7 -34.30 20.98 -6.74
C ARG C 7 -32.83 20.83 -7.14
N LEU C 8 -32.38 21.66 -8.08
CA LEU C 8 -31.04 21.56 -8.63
C LEU C 8 -30.09 22.57 -7.99
N PHE C 9 -28.83 22.17 -7.84
CA PHE C 9 -27.77 23.04 -7.29
C PHE C 9 -27.62 24.34 -8.09
N GLY D 1 25.39 -23.53 0.54
CA GLY D 1 25.20 -22.77 -0.68
C GLY D 1 26.48 -22.20 -1.25
N SER D 2 26.44 -21.81 -2.51
CA SER D 2 27.60 -21.23 -3.16
C SER D 2 27.63 -19.72 -2.96
N HIS D 3 28.81 -19.14 -3.20
CA HIS D 3 28.98 -17.72 -3.00
C HIS D 3 29.93 -17.19 -4.07
N SER D 4 29.97 -15.87 -4.17
CA SER D 4 30.74 -15.19 -5.20
C SER D 4 31.43 -13.98 -4.61
N MET D 5 32.59 -13.65 -5.17
CA MET D 5 33.18 -12.35 -4.98
C MET D 5 33.39 -11.71 -6.34
N ARG D 6 33.21 -10.41 -6.40
CA ARG D 6 33.21 -9.68 -7.66
C ARG D 6 33.71 -8.28 -7.40
N TYR D 7 34.62 -7.83 -8.25
CA TYR D 7 35.04 -6.45 -8.23
C TYR D 7 34.66 -5.82 -9.57
N PHE D 8 34.00 -4.66 -9.52
CA PHE D 8 33.57 -3.93 -10.70
C PHE D 8 34.23 -2.57 -10.70
N SER D 9 34.78 -2.18 -11.85
CA SER D 9 35.38 -0.86 -11.99
C SER D 9 34.93 -0.18 -13.26
N THR D 10 34.80 1.13 -13.20
CA THR D 10 34.49 1.96 -14.35
C THR D 10 35.52 3.08 -14.48
N SER D 11 36.00 3.29 -15.70
CA SER D 11 36.86 4.41 -16.08
C SER D 11 36.23 5.13 -17.25
N VAL D 12 36.05 6.43 -17.09
CA VAL D 12 35.37 7.27 -18.07
C VAL D 12 36.28 8.46 -18.34
N SER D 13 36.96 8.43 -19.48
CA SER D 13 37.73 9.59 -19.92
C SER D 13 36.81 10.79 -20.07
N ARG D 14 37.38 11.97 -19.83
CA ARG D 14 36.67 13.24 -19.99
C ARG D 14 37.68 14.24 -20.56
N PRO D 15 37.95 14.18 -21.86
CA PRO D 15 38.83 15.15 -22.49
C PRO D 15 38.28 16.56 -22.30
N GLY D 16 39.20 17.52 -22.14
CA GLY D 16 38.76 18.87 -21.81
C GLY D 16 37.95 18.91 -20.53
N ARG D 17 38.21 17.99 -19.62
CA ARG D 17 37.52 17.97 -18.33
C ARG D 17 38.38 17.25 -17.29
N GLY D 18 39.69 17.18 -17.51
CA GLY D 18 40.58 16.51 -16.59
C GLY D 18 41.08 15.16 -17.05
N GLU D 19 41.22 14.24 -16.10
CA GLU D 19 41.79 12.91 -16.17
C GLU D 19 40.72 11.87 -15.85
N PRO D 20 40.77 10.66 -16.46
CA PRO D 20 39.63 9.74 -16.40
C PRO D 20 39.19 9.44 -14.98
N ARG D 21 37.87 9.41 -14.78
CA ARG D 21 37.33 9.02 -13.50
C ARG D 21 37.28 7.51 -13.39
N PHE D 22 37.79 7.00 -12.27
CA PHE D 22 37.84 5.58 -11.98
C PHE D 22 37.05 5.32 -10.71
N ILE D 23 36.07 4.45 -10.80
CA ILE D 23 35.32 4.02 -9.63
C ILE D 23 35.30 2.50 -9.62
N ALA D 24 35.68 1.92 -8.49
CA ALA D 24 35.66 0.48 -8.30
C ALA D 24 34.84 0.12 -7.07
N VAL D 25 34.10 -0.99 -7.16
CA VAL D 25 33.21 -1.46 -6.12
C VAL D 25 33.48 -2.94 -5.83
N GLY D 26 33.37 -3.34 -4.57
CA GLY D 26 33.52 -4.72 -4.17
C GLY D 26 32.27 -5.38 -3.58
N TYR D 27 31.96 -6.60 -4.03
CA TYR D 27 30.75 -7.32 -3.64
C TYR D 27 31.06 -8.72 -3.18
N VAL D 28 30.45 -9.14 -2.08
CA VAL D 28 30.26 -10.54 -1.77
C VAL D 28 28.78 -10.84 -2.05
N ASP D 29 28.52 -11.75 -2.97
CA ASP D 29 27.16 -12.07 -3.38
C ASP D 29 26.42 -10.81 -3.79
N ASP D 30 25.47 -10.33 -3.00
CA ASP D 30 24.71 -9.13 -3.35
C ASP D 30 24.99 -7.96 -2.42
N THR D 31 25.83 -8.15 -1.39
CA THR D 31 26.23 -7.09 -0.47
C THR D 31 27.51 -6.42 -0.96
N GLN D 32 27.43 -5.12 -1.25
CA GLN D 32 28.64 -4.36 -1.54
C GLN D 32 29.46 -4.19 -0.25
N PHE D 33 30.79 -4.24 -0.35
CA PHE D 33 31.60 -4.10 0.86
C PHE D 33 32.76 -3.12 0.77
N VAL D 34 33.22 -2.72 -0.42
CA VAL D 34 34.24 -1.68 -0.55
C VAL D 34 33.97 -0.89 -1.82
N ARG D 35 34.51 0.32 -1.85
CA ARG D 35 34.46 1.15 -3.05
C ARG D 35 35.75 1.94 -3.11
N PHE D 36 35.97 2.57 -4.26
CA PHE D 36 37.06 3.53 -4.39
C PHE D 36 36.67 4.49 -5.50
N ASP D 37 36.96 5.77 -5.29
CA ASP D 37 36.60 6.81 -6.24
C ASP D 37 37.81 7.70 -6.47
N SER D 38 38.32 7.70 -7.69
CA SER D 38 39.49 8.51 -8.02
C SER D 38 39.22 10.00 -7.86
N ASP D 39 37.95 10.41 -7.76
CA ASP D 39 37.65 11.82 -7.53
C ASP D 39 37.48 12.16 -6.05
N ALA D 40 37.13 11.20 -5.21
CA ALA D 40 36.90 11.55 -3.80
C ALA D 40 38.20 12.01 -3.14
N ALA D 41 38.04 12.73 -2.01
CA ALA D 41 39.19 13.35 -1.36
C ALA D 41 40.12 12.32 -0.76
N SER D 42 39.55 11.31 -0.10
CA SER D 42 40.33 10.35 0.66
C SER D 42 41.44 9.70 -0.17
N GLN D 43 41.16 9.41 -1.44
CA GLN D 43 42.08 8.63 -2.28
C GLN D 43 42.32 7.26 -1.67
N ARG D 44 41.26 6.68 -1.11
CA ARG D 44 41.38 5.49 -0.28
C ARG D 44 40.25 4.52 -0.60
N MET D 45 40.58 3.23 -0.57
CA MET D 45 39.56 2.20 -0.61
C MET D 45 38.75 2.30 0.67
N GLU D 46 37.43 2.39 0.54
CA GLU D 46 36.71 2.65 1.79
C GLU D 46 35.78 1.50 2.17
N PRO D 47 35.54 1.29 3.46
CA PRO D 47 34.56 0.27 3.89
C PRO D 47 33.14 0.71 3.56
N ARG D 48 32.32 -0.28 3.18
CA ARG D 48 30.91 -0.05 2.93
C ARG D 48 30.02 -1.09 3.58
N ALA D 49 30.59 -2.04 4.32
CA ALA D 49 29.83 -3.00 5.10
C ALA D 49 30.41 -3.03 6.51
N PRO D 50 29.58 -3.33 7.51
CA PRO D 50 30.09 -3.34 8.89
C PRO D 50 31.20 -4.34 9.13
N TRP D 51 31.14 -5.52 8.51
CA TRP D 51 32.05 -6.60 8.85
C TRP D 51 33.43 -6.45 8.22
N ILE D 52 33.58 -5.62 7.20
CA ILE D 52 34.91 -5.33 6.65
C ILE D 52 35.67 -4.32 7.51
N GLU D 53 35.00 -3.64 8.42
CA GLU D 53 35.65 -2.62 9.22
C GLU D 53 36.64 -3.21 10.21
N GLN D 54 36.45 -4.47 10.59
CA GLN D 54 37.39 -5.11 11.52
C GLN D 54 38.72 -5.43 10.87
N GLU D 55 38.81 -5.37 9.55
CA GLU D 55 40.10 -5.54 8.91
C GLU D 55 41.02 -4.42 9.33
N GLY D 56 42.26 -4.78 9.69
CA GLY D 56 43.21 -3.84 10.24
C GLY D 56 43.80 -2.92 9.18
N PRO D 57 44.68 -2.03 9.66
CA PRO D 57 45.23 -1.02 8.76
C PRO D 57 46.03 -1.56 7.59
N GLU D 58 46.80 -2.64 7.79
CA GLU D 58 47.59 -3.16 6.68
C GLU D 58 46.72 -3.59 5.51
N TYR D 59 45.53 -4.10 5.80
CA TYR D 59 44.57 -4.41 4.74
C TYR D 59 44.21 -3.15 3.95
N TRP D 60 43.80 -2.08 4.63
CA TRP D 60 43.35 -0.88 3.94
C TRP D 60 44.47 -0.23 3.14
N ASP D 61 45.70 -0.28 3.64
CA ASP D 61 46.78 0.27 2.85
C ASP D 61 47.02 -0.57 1.61
N GLU D 62 46.95 -1.89 1.73
CA GLU D 62 47.30 -2.75 0.61
C GLU D 62 46.19 -2.75 -0.45
N GLU D 63 44.95 -2.88 -0.02
CA GLU D 63 43.83 -2.78 -0.97
C GLU D 63 43.86 -1.44 -1.68
N THR D 64 44.11 -0.35 -0.95
CA THR D 64 44.19 0.96 -1.59
C THR D 64 45.28 0.97 -2.66
N GLY D 65 46.47 0.47 -2.32
CA GLY D 65 47.52 0.34 -3.33
C GLY D 65 47.09 -0.46 -4.55
N LYS D 66 46.37 -1.55 -4.34
CA LYS D 66 46.00 -2.39 -5.47
C LYS D 66 45.04 -1.67 -6.41
N VAL D 67 43.98 -1.04 -5.85
CA VAL D 67 42.97 -0.39 -6.69
C VAL D 67 43.56 0.83 -7.38
N LYS D 68 44.46 1.56 -6.72
CA LYS D 68 45.11 2.68 -7.39
C LYS D 68 45.88 2.21 -8.61
N ALA D 69 46.69 1.16 -8.44
CA ALA D 69 47.43 0.61 -9.58
C ALA D 69 46.49 0.28 -10.73
N HIS D 70 45.35 -0.33 -10.43
CA HIS D 70 44.40 -0.70 -11.49
C HIS D 70 43.85 0.53 -12.19
N SER D 71 43.60 1.60 -11.43
CA SER D 71 43.14 2.84 -12.06
C SER D 71 44.17 3.37 -13.07
N GLN D 72 45.45 3.37 -12.68
CA GLN D 72 46.48 3.82 -13.62
C GLN D 72 46.54 2.93 -14.85
N THR D 73 46.36 1.62 -14.68
CA THR D 73 46.40 0.71 -15.82
C THR D 73 45.25 0.97 -16.77
N ASP D 74 44.05 1.17 -16.23
CA ASP D 74 42.92 1.41 -17.12
C ASP D 74 42.96 2.80 -17.71
N ARG D 75 43.54 3.77 -16.99
CA ARG D 75 43.90 5.04 -17.60
C ARG D 75 44.60 4.80 -18.93
N GLU D 76 45.65 3.99 -18.93
CA GLU D 76 46.33 3.81 -20.19
C GLU D 76 45.59 2.91 -21.14
N ASN D 77 44.81 1.96 -20.63
CA ASN D 77 44.11 1.09 -21.56
C ASN D 77 43.03 1.84 -22.34
N LEU D 78 42.47 2.90 -21.78
CA LEU D 78 41.61 3.78 -22.57
C LEU D 78 42.38 4.39 -23.72
N ARG D 79 43.62 4.86 -23.46
CA ARG D 79 44.41 5.46 -24.53
C ARG D 79 44.64 4.47 -25.64
N ILE D 80 44.99 3.22 -25.30
CA ILE D 80 45.34 2.22 -26.30
C ILE D 80 44.11 1.79 -27.10
N ALA D 81 42.97 1.68 -26.43
CA ALA D 81 41.73 1.40 -27.15
C ALA D 81 41.45 2.50 -28.16
N LEU D 82 41.66 3.75 -27.76
CA LEU D 82 41.49 4.88 -28.67
C LEU D 82 42.24 4.64 -29.97
N ARG D 83 43.51 4.28 -29.87
CA ARG D 83 44.31 4.01 -31.05
C ARG D 83 43.76 2.81 -31.84
N TYR D 84 43.46 1.70 -31.16
CA TYR D 84 43.02 0.49 -31.85
C TYR D 84 41.76 0.73 -32.69
N TYR D 85 40.85 1.58 -32.23
CA TYR D 85 39.63 1.85 -32.98
C TYR D 85 39.74 3.06 -33.88
N ASN D 86 40.88 3.76 -33.87
CA ASN D 86 41.04 5.06 -34.50
C ASN D 86 39.92 6.01 -34.09
N GLN D 87 39.84 6.28 -32.81
CA GLN D 87 38.84 7.21 -32.32
C GLN D 87 39.47 8.55 -31.98
N SER D 88 38.70 9.61 -32.23
CA SER D 88 39.16 10.96 -31.92
C SER D 88 39.41 11.15 -30.42
N GLU D 89 40.34 12.04 -30.10
CA GLU D 89 40.48 12.46 -28.71
C GLU D 89 39.39 13.44 -28.28
N ALA D 90 38.37 13.64 -29.10
CA ALA D 90 37.24 14.44 -28.63
C ALA D 90 36.44 13.64 -27.61
N GLY D 91 35.78 12.57 -28.06
CA GLY D 91 34.72 11.97 -27.28
C GLY D 91 35.17 11.35 -25.98
N SER D 92 34.21 11.23 -25.08
CA SER D 92 34.40 10.46 -23.85
C SER D 92 34.21 8.97 -24.14
N HIS D 93 34.93 8.14 -23.39
CA HIS D 93 34.86 6.71 -23.60
C HIS D 93 34.90 6.00 -22.25
N THR D 94 34.37 4.78 -22.25
CA THR D 94 34.12 4.02 -21.02
C THR D 94 34.82 2.68 -21.11
N LEU D 95 35.50 2.32 -20.04
CA LEU D 95 36.19 1.04 -19.99
C LEU D 95 35.84 0.34 -18.68
N GLN D 96 35.20 -0.82 -18.78
CA GLN D 96 34.71 -1.52 -17.61
C GLN D 96 35.47 -2.82 -17.42
N MET D 97 35.71 -3.17 -16.16
CA MET D 97 36.36 -4.42 -15.82
C MET D 97 35.62 -5.08 -14.67
N MET D 98 35.55 -6.39 -14.76
CA MET D 98 35.00 -7.24 -13.73
C MET D 98 35.99 -8.37 -13.50
N PHE D 99 36.17 -8.75 -12.25
CA PHE D 99 36.92 -9.96 -11.96
C PHE D 99 36.45 -10.51 -10.61
N GLY D 100 36.70 -11.79 -10.40
CA GLY D 100 36.35 -12.42 -9.13
C GLY D 100 36.33 -13.93 -9.26
N CYS D 101 35.59 -14.56 -8.35
CA CYS D 101 35.54 -16.01 -8.31
C CYS D 101 34.24 -16.49 -7.68
N ASP D 102 33.82 -17.70 -8.07
CA ASP D 102 32.74 -18.41 -7.39
C ASP D 102 33.33 -19.55 -6.56
N VAL D 103 32.75 -19.80 -5.37
CA VAL D 103 33.12 -20.95 -4.55
C VAL D 103 31.85 -21.72 -4.23
N GLY D 104 32.03 -23.01 -3.94
CA GLY D 104 30.94 -23.83 -3.45
C GLY D 104 30.90 -23.90 -1.94
N SER D 105 29.84 -24.52 -1.42
CA SER D 105 29.55 -24.48 0.01
C SER D 105 30.67 -25.07 0.85
N ASP D 106 31.56 -25.84 0.25
CA ASP D 106 32.74 -26.38 0.94
C ASP D 106 33.94 -25.45 0.85
N GLY D 107 33.77 -24.27 0.26
CA GLY D 107 34.84 -23.31 0.13
C GLY D 107 35.74 -23.48 -1.07
N ARG D 108 35.60 -24.57 -1.82
CA ARG D 108 36.50 -24.84 -2.92
C ARG D 108 36.18 -23.97 -4.14
N PHE D 109 37.19 -23.80 -4.98
CA PHE D 109 37.09 -22.93 -6.14
C PHE D 109 36.07 -23.46 -7.13
N LEU D 110 35.29 -22.56 -7.72
CA LEU D 110 34.33 -22.99 -8.72
C LEU D 110 34.60 -22.43 -10.10
N ARG D 111 35.05 -21.18 -10.19
CA ARG D 111 35.10 -20.49 -11.46
C ARG D 111 35.74 -19.13 -11.18
N GLY D 112 36.42 -18.60 -12.19
CA GLY D 112 37.06 -17.30 -12.07
C GLY D 112 36.70 -16.44 -13.26
N TYR D 113 36.85 -15.13 -13.09
CA TYR D 113 36.47 -14.19 -14.14
C TYR D 113 37.43 -13.02 -14.20
N HIS D 114 37.55 -12.51 -15.41
CA HIS D 114 38.39 -11.36 -15.70
C HIS D 114 37.94 -10.88 -17.08
N GLN D 115 37.23 -9.77 -17.15
CA GLN D 115 36.72 -9.37 -18.45
C GLN D 115 36.57 -7.85 -18.55
N TYR D 116 36.66 -7.38 -19.78
CA TYR D 116 36.59 -5.97 -20.10
C TYR D 116 35.43 -5.70 -21.05
N ALA D 117 34.87 -4.51 -20.92
CA ALA D 117 34.03 -3.92 -21.96
C ALA D 117 34.56 -2.53 -22.26
N TYR D 118 34.58 -2.19 -23.53
CA TYR D 118 34.88 -0.83 -23.99
C TYR D 118 33.60 -0.26 -24.60
N ASP D 119 33.18 0.90 -24.09
CA ASP D 119 31.99 1.60 -24.61
C ASP D 119 30.77 0.68 -24.61
N GLY D 120 30.64 -0.10 -23.55
CA GLY D 120 29.43 -0.87 -23.33
C GLY D 120 29.34 -2.20 -24.04
N LYS D 121 30.37 -2.64 -24.73
CA LYS D 121 30.33 -3.90 -25.46
C LYS D 121 31.52 -4.75 -25.06
N ASP D 122 31.35 -6.08 -25.08
CA ASP D 122 32.44 -7.00 -24.80
C ASP D 122 33.72 -6.57 -25.50
N TYR D 123 34.83 -6.61 -24.77
CA TYR D 123 36.10 -6.38 -25.42
C TYR D 123 36.90 -7.68 -25.40
N ILE D 124 37.48 -8.02 -24.26
CA ILE D 124 38.19 -9.28 -24.09
C ILE D 124 37.79 -9.87 -22.74
N ALA D 125 37.80 -11.20 -22.66
CA ALA D 125 37.41 -11.90 -21.45
C ALA D 125 38.27 -13.16 -21.29
N LEU D 126 38.50 -13.53 -20.04
CA LEU D 126 39.13 -14.79 -19.69
C LEU D 126 38.13 -15.93 -19.79
N LYS D 127 38.44 -16.95 -20.59
CA LYS D 127 37.52 -18.07 -20.75
C LYS D 127 37.54 -18.98 -19.51
N GLU D 128 36.58 -19.91 -19.47
CA GLU D 128 36.44 -20.77 -18.30
C GLU D 128 37.64 -21.68 -18.08
N ASP D 129 38.43 -21.98 -19.10
CA ASP D 129 39.60 -22.82 -18.89
C ASP D 129 40.75 -22.07 -18.23
N LEU D 130 40.59 -20.78 -17.94
CA LEU D 130 41.61 -19.94 -17.34
C LEU D 130 42.94 -20.04 -18.08
N ARG D 131 42.92 -20.40 -19.35
CA ARG D 131 44.16 -20.43 -20.11
C ARG D 131 44.06 -19.75 -21.46
N SER D 132 42.92 -19.19 -21.82
CA SER D 132 42.76 -18.52 -23.11
C SER D 132 41.69 -17.46 -23.00
N TRP D 133 41.56 -16.66 -24.06
CA TRP D 133 40.76 -15.45 -24.10
C TRP D 133 39.72 -15.48 -25.23
N THR D 134 38.62 -14.75 -25.04
CA THR D 134 37.69 -14.43 -26.13
C THR D 134 37.82 -12.96 -26.45
N ALA D 135 38.33 -12.67 -27.65
CA ALA D 135 38.36 -11.31 -28.16
C ALA D 135 37.07 -11.06 -28.92
N ALA D 136 36.32 -10.03 -28.50
CA ALA D 136 35.03 -9.75 -29.13
C ALA D 136 35.17 -9.29 -30.57
N ASP D 137 36.30 -8.68 -30.94
CA ASP D 137 36.44 -8.06 -32.26
C ASP D 137 37.93 -7.95 -32.61
N MET D 138 38.21 -7.31 -33.75
CA MET D 138 39.56 -7.19 -34.24
C MET D 138 40.47 -6.45 -33.27
N ALA D 139 40.00 -5.30 -32.75
CA ALA D 139 40.79 -4.55 -31.78
C ALA D 139 41.14 -5.39 -30.56
N ALA D 140 40.15 -6.11 -30.02
CA ALA D 140 40.47 -7.02 -28.94
C ALA D 140 41.40 -8.15 -29.39
N GLN D 141 41.42 -8.49 -30.68
CA GLN D 141 42.26 -9.61 -31.12
C GLN D 141 43.74 -9.27 -30.99
N ILE D 142 44.11 -8.00 -31.13
CA ILE D 142 45.49 -7.61 -30.87
C ILE D 142 45.86 -7.93 -29.43
N THR D 143 44.97 -7.59 -28.49
CA THR D 143 45.26 -7.79 -27.08
C THR D 143 45.41 -9.27 -26.77
N LYS D 144 44.52 -10.09 -27.36
CA LYS D 144 44.58 -11.53 -27.17
C LYS D 144 45.95 -12.09 -27.57
N ARG D 145 46.45 -11.70 -28.74
CA ARG D 145 47.80 -12.12 -29.14
C ARG D 145 48.84 -11.61 -28.15
N LYS D 146 48.76 -10.32 -27.78
CA LYS D 146 49.68 -9.79 -26.78
C LYS D 146 49.68 -10.66 -25.54
N TRP D 147 48.49 -10.93 -25.00
CA TRP D 147 48.34 -11.54 -23.70
C TRP D 147 48.66 -13.03 -23.72
N GLU D 148 48.25 -13.74 -24.76
CA GLU D 148 48.66 -15.13 -24.90
C GLU D 148 50.18 -15.26 -24.96
N ALA D 149 50.84 -14.46 -25.81
CA ALA D 149 52.30 -14.57 -25.92
C ALA D 149 52.96 -14.31 -24.57
N ALA D 150 52.39 -13.38 -23.79
CA ALA D 150 52.92 -13.07 -22.47
C ALA D 150 52.45 -14.03 -21.39
N HIS D 151 51.52 -14.94 -21.71
CA HIS D 151 51.02 -15.90 -20.74
C HIS D 151 50.32 -15.23 -19.56
N VAL D 152 49.55 -14.17 -19.82
CA VAL D 152 48.97 -13.51 -18.65
C VAL D 152 47.88 -14.37 -18.00
N ALA D 153 47.21 -15.24 -18.77
CA ALA D 153 46.16 -16.06 -18.18
C ALA D 153 46.70 -16.93 -17.04
N GLU D 154 47.79 -17.64 -17.29
CA GLU D 154 48.47 -18.37 -16.23
C GLU D 154 48.85 -17.46 -15.08
N GLN D 155 49.29 -16.23 -15.38
CA GLN D 155 49.62 -15.25 -14.34
C GLN D 155 48.43 -14.94 -13.45
N GLN D 156 47.21 -14.96 -14.01
CA GLN D 156 46.03 -14.67 -13.18
C GLN D 156 45.70 -15.80 -12.23
N ARG D 157 46.11 -17.03 -12.57
CA ARG D 157 45.52 -18.18 -11.91
C ARG D 157 45.82 -18.16 -10.42
N ALA D 158 46.93 -17.54 -10.02
CA ALA D 158 47.25 -17.45 -8.60
C ALA D 158 46.17 -16.67 -7.86
N TYR D 159 45.84 -15.48 -8.37
CA TYR D 159 44.77 -14.70 -7.75
C TYR D 159 43.46 -15.46 -7.78
N LEU D 160 43.03 -15.85 -8.98
CA LEU D 160 41.67 -16.35 -9.17
C LEU D 160 41.40 -17.57 -8.31
N GLU D 161 42.34 -18.50 -8.26
CA GLU D 161 42.20 -19.72 -7.47
C GLU D 161 42.82 -19.62 -6.08
N GLY D 162 43.49 -18.53 -5.75
CA GLY D 162 44.07 -18.46 -4.43
C GLY D 162 43.55 -17.29 -3.63
N THR D 163 44.12 -16.11 -3.85
CA THR D 163 43.68 -14.91 -3.16
C THR D 163 42.16 -14.77 -3.14
N CYS D 164 41.54 -14.90 -4.31
CA CYS D 164 40.11 -14.60 -4.45
C CYS D 164 39.26 -15.52 -3.58
N VAL D 165 39.45 -16.83 -3.70
CA VAL D 165 38.68 -17.74 -2.87
C VAL D 165 39.11 -17.62 -1.39
N ASP D 166 40.41 -17.44 -1.14
CA ASP D 166 40.85 -17.32 0.24
C ASP D 166 40.22 -16.11 0.92
N GLY D 167 40.14 -14.97 0.21
CA GLY D 167 39.49 -13.79 0.76
C GLY D 167 37.99 -13.99 0.93
N LEU D 168 37.36 -14.68 0.00
CA LEU D 168 35.91 -14.90 0.06
C LEU D 168 35.54 -15.70 1.30
N ARG D 169 36.22 -16.83 1.52
CA ARG D 169 36.05 -17.58 2.77
C ARG D 169 36.17 -16.65 3.98
N ARG D 170 37.24 -15.87 4.05
CA ARG D 170 37.47 -15.01 5.22
C ARG D 170 36.31 -14.06 5.45
N TYR D 171 35.82 -13.42 4.39
CA TYR D 171 34.67 -12.54 4.54
C TYR D 171 33.42 -13.33 4.97
N LEU D 172 33.20 -14.51 4.38
CA LEU D 172 32.05 -15.32 4.75
C LEU D 172 32.09 -15.78 6.21
N GLU D 173 33.27 -15.85 6.81
CA GLU D 173 33.34 -16.07 8.26
C GLU D 173 33.06 -14.78 9.02
N ASN D 174 33.86 -13.74 8.74
CA ASN D 174 33.74 -12.51 9.50
C ASN D 174 32.40 -11.84 9.29
N GLY D 175 31.78 -12.05 8.13
CA GLY D 175 30.50 -11.46 7.83
C GLY D 175 29.37 -12.46 7.92
N LYS D 176 29.61 -13.57 8.62
CA LYS D 176 28.65 -14.66 8.72
C LYS D 176 27.20 -14.17 8.86
N GLU D 177 26.96 -13.29 9.83
CA GLU D 177 25.58 -12.86 10.13
C GLU D 177 24.93 -12.22 8.90
N THR D 178 25.64 -11.32 8.22
CA THR D 178 25.09 -10.70 7.02
C THR D 178 25.09 -11.66 5.84
N LEU D 179 26.24 -12.25 5.53
CA LEU D 179 26.44 -12.92 4.26
C LEU D 179 25.81 -14.30 4.22
N GLN D 180 25.74 -14.98 5.36
CA GLN D 180 25.17 -16.32 5.38
C GLN D 180 23.72 -16.31 5.82
N ARG D 181 23.10 -15.15 5.87
CA ARG D 181 21.68 -15.11 6.18
C ARG D 181 20.86 -15.42 4.93
N THR D 182 19.60 -15.79 5.15
CA THR D 182 18.60 -15.79 4.10
C THR D 182 17.34 -15.18 4.67
N ASP D 183 16.87 -14.09 4.03
CA ASP D 183 15.63 -13.42 4.39
C ASP D 183 14.58 -13.82 3.38
N PRO D 184 13.57 -14.57 3.77
CA PRO D 184 12.52 -14.92 2.83
C PRO D 184 11.70 -13.69 2.49
N PRO D 185 11.14 -13.63 1.29
CA PRO D 185 10.25 -12.52 0.94
C PRO D 185 9.03 -12.47 1.85
N LYS D 186 8.59 -11.26 2.16
CA LYS D 186 7.24 -11.05 2.68
C LYS D 186 6.37 -10.72 1.48
N THR D 187 5.39 -11.56 1.20
CA THR D 187 4.57 -11.34 0.03
C THR D 187 3.21 -10.77 0.41
N HIS D 188 2.58 -10.14 -0.58
CA HIS D 188 1.20 -9.70 -0.48
C HIS D 188 0.74 -9.33 -1.88
N MET D 189 -0.57 -9.24 -2.04
CA MET D 189 -1.15 -8.89 -3.32
C MET D 189 -1.87 -7.58 -3.20
N THR D 190 -1.87 -6.85 -4.29
CA THR D 190 -2.71 -5.68 -4.43
C THR D 190 -3.61 -5.89 -5.63
N HIS D 191 -4.73 -5.18 -5.62
CA HIS D 191 -5.78 -5.38 -6.60
C HIS D 191 -6.37 -4.02 -6.94
N HIS D 192 -6.43 -3.69 -8.23
CA HIS D 192 -6.88 -2.37 -8.66
C HIS D 192 -7.70 -2.44 -9.93
N PRO D 193 -8.96 -2.05 -9.88
CA PRO D 193 -9.73 -1.90 -11.12
C PRO D 193 -9.11 -0.81 -11.98
N ILE D 194 -9.00 -1.09 -13.27
CA ILE D 194 -8.66 -0.04 -14.22
C ILE D 194 -9.97 0.51 -14.76
N SER D 195 -10.71 -0.35 -15.43
CA SER D 195 -12.00 -0.01 -16.01
C SER D 195 -13.07 -0.89 -15.36
N ASP D 196 -14.30 -0.78 -15.88
CA ASP D 196 -15.42 -1.57 -15.40
C ASP D 196 -15.25 -3.07 -15.63
N HIS D 197 -14.29 -3.47 -16.47
CA HIS D 197 -14.15 -4.87 -16.88
C HIS D 197 -12.76 -5.45 -16.67
N GLU D 198 -11.78 -4.64 -16.33
CA GLU D 198 -10.42 -5.13 -16.19
C GLU D 198 -9.83 -4.67 -14.86
N ALA D 199 -9.00 -5.53 -14.27
CA ALA D 199 -8.35 -5.21 -13.01
C ALA D 199 -6.89 -5.67 -13.04
N THR D 200 -6.05 -4.93 -12.34
CA THR D 200 -4.64 -5.28 -12.22
C THR D 200 -4.45 -6.05 -10.93
N LEU D 201 -3.88 -7.24 -11.04
CA LEU D 201 -3.37 -7.96 -9.89
C LEU D 201 -1.86 -7.77 -9.91
N ARG D 202 -1.30 -7.35 -8.78
CA ARG D 202 0.13 -7.14 -8.63
C ARG D 202 0.62 -7.96 -7.46
N CYS D 203 1.68 -8.73 -7.69
CA CYS D 203 2.21 -9.67 -6.72
C CYS D 203 3.56 -9.18 -6.18
N TRP D 204 3.61 -8.94 -4.87
CA TRP D 204 4.73 -8.25 -4.24
C TRP D 204 5.64 -9.21 -3.51
N ALA D 205 6.94 -8.93 -3.58
CA ALA D 205 7.95 -9.61 -2.77
C ALA D 205 8.82 -8.53 -2.15
N LEU D 206 8.86 -8.50 -0.81
CA LEU D 206 9.62 -7.51 -0.04
C LEU D 206 10.61 -8.17 0.92
N GLY D 207 11.67 -7.44 1.24
CA GLY D 207 12.58 -7.80 2.30
C GLY D 207 13.43 -9.04 2.07
N PHE D 208 13.63 -9.48 0.84
CA PHE D 208 14.33 -10.74 0.65
C PHE D 208 15.82 -10.56 0.35
N TYR D 209 16.60 -11.56 0.74
CA TYR D 209 18.01 -11.64 0.46
C TYR D 209 18.37 -13.11 0.37
N PRO D 210 19.20 -13.53 -0.60
CA PRO D 210 19.86 -12.77 -1.68
C PRO D 210 18.87 -12.26 -2.73
N ALA D 211 19.35 -11.65 -3.82
CA ALA D 211 18.48 -10.97 -4.75
C ALA D 211 17.73 -11.90 -5.68
N GLU D 212 18.22 -13.12 -5.85
CA GLU D 212 17.64 -14.03 -6.81
C GLU D 212 16.26 -14.49 -6.35
N ILE D 213 15.27 -14.25 -7.18
CA ILE D 213 13.89 -14.62 -6.86
C ILE D 213 13.19 -14.91 -8.19
N THR D 214 12.11 -15.69 -8.14
CA THR D 214 11.27 -15.85 -9.33
C THR D 214 9.82 -15.64 -8.95
N LEU D 215 9.17 -14.71 -9.65
CA LEU D 215 7.74 -14.45 -9.54
C LEU D 215 7.09 -14.85 -10.87
N THR D 216 6.10 -15.74 -10.79
CA THR D 216 5.40 -16.22 -11.97
C THR D 216 3.90 -16.06 -11.75
N TRP D 217 3.19 -15.64 -12.80
CA TRP D 217 1.74 -15.63 -12.79
C TRP D 217 1.26 -16.78 -13.65
N GLN D 218 0.28 -17.54 -13.12
CA GLN D 218 -0.42 -18.57 -13.87
C GLN D 218 -1.91 -18.24 -13.94
N ARG D 219 -2.52 -18.59 -15.06
CA ARG D 219 -3.98 -18.54 -15.17
C ARG D 219 -4.46 -19.96 -15.37
N ASP D 220 -5.08 -20.52 -14.32
CA ASP D 220 -5.57 -21.89 -14.29
C ASP D 220 -4.43 -22.91 -14.41
N GLY D 221 -3.26 -22.58 -13.86
CA GLY D 221 -2.12 -23.45 -13.93
C GLY D 221 -1.25 -23.28 -15.16
N GLU D 222 -1.42 -22.21 -15.91
CA GLU D 222 -0.62 -21.96 -17.11
C GLU D 222 0.05 -20.60 -16.96
N ASP D 223 1.36 -20.57 -17.08
CA ASP D 223 2.10 -19.33 -16.86
C ASP D 223 1.70 -18.28 -17.86
N GLN D 224 1.34 -17.09 -17.39
CA GLN D 224 1.11 -15.93 -18.27
C GLN D 224 2.44 -15.21 -18.50
N THR D 225 3.29 -15.85 -19.29
CA THR D 225 4.61 -15.28 -19.58
C THR D 225 4.50 -13.98 -20.36
N GLN D 226 3.77 -13.99 -21.47
CA GLN D 226 3.74 -12.86 -22.39
C GLN D 226 2.70 -11.80 -22.03
N ASP D 227 1.95 -11.96 -20.94
CA ASP D 227 0.93 -10.99 -20.57
C ASP D 227 1.19 -10.37 -19.20
N THR D 228 2.40 -10.55 -18.66
CA THR D 228 2.82 -10.09 -17.36
C THR D 228 3.66 -8.81 -17.50
N GLU D 229 3.71 -8.02 -16.44
CA GLU D 229 4.63 -6.88 -16.32
C GLU D 229 5.55 -7.14 -15.13
N LEU D 230 6.81 -7.46 -15.39
CA LEU D 230 7.77 -7.89 -14.38
C LEU D 230 8.87 -6.84 -14.23
N VAL D 231 8.83 -6.05 -13.15
CA VAL D 231 9.88 -5.05 -12.92
C VAL D 231 11.17 -5.74 -12.52
N GLU D 232 12.28 -5.03 -12.74
CA GLU D 232 13.58 -5.54 -12.33
C GLU D 232 13.70 -5.48 -10.82
N THR D 233 14.28 -6.52 -10.25
CA THR D 233 14.57 -6.52 -8.82
C THR D 233 15.32 -5.26 -8.43
N ARG D 234 14.94 -4.69 -7.30
CA ARG D 234 15.45 -3.40 -6.88
C ARG D 234 15.86 -3.48 -5.42
N PRO D 235 16.84 -2.68 -4.99
CA PRO D 235 17.26 -2.74 -3.58
C PRO D 235 16.36 -1.86 -2.74
N ALA D 236 16.03 -2.38 -1.54
CA ALA D 236 15.28 -1.59 -0.59
C ALA D 236 16.08 -0.40 -0.10
N GLY D 237 17.41 -0.47 -0.17
CA GLY D 237 18.24 0.51 0.47
C GLY D 237 18.73 0.10 1.84
N ASP D 238 18.23 -1.00 2.40
CA ASP D 238 18.71 -1.51 3.68
C ASP D 238 19.41 -2.86 3.53
N GLY D 239 19.75 -3.25 2.30
CA GLY D 239 20.35 -4.55 2.08
C GLY D 239 19.40 -5.67 1.70
N THR D 240 18.09 -5.43 1.66
CA THR D 240 17.18 -6.41 1.07
C THR D 240 16.71 -5.90 -0.29
N PHE D 241 15.90 -6.73 -0.94
CA PHE D 241 15.46 -6.46 -2.30
C PHE D 241 13.94 -6.57 -2.40
N GLN D 242 13.42 -6.06 -3.51
CA GLN D 242 11.99 -5.93 -3.80
C GLN D 242 11.74 -6.35 -5.23
N LYS D 243 10.59 -6.99 -5.48
CA LYS D 243 10.16 -7.25 -6.84
C LYS D 243 8.63 -7.30 -6.86
N TRP D 244 8.05 -6.94 -8.01
CA TRP D 244 6.65 -7.29 -8.20
C TRP D 244 6.41 -7.75 -9.62
N ALA D 245 5.34 -8.54 -9.76
CA ALA D 245 4.82 -8.95 -11.05
C ALA D 245 3.35 -8.56 -11.11
N ALA D 246 2.91 -8.15 -12.27
CA ALA D 246 1.54 -7.70 -12.40
C ALA D 246 0.93 -8.34 -13.63
N VAL D 247 -0.36 -8.61 -13.52
CA VAL D 247 -1.18 -9.10 -14.63
C VAL D 247 -2.49 -8.32 -14.63
N VAL D 248 -2.99 -7.99 -15.82
CA VAL D 248 -4.29 -7.35 -15.96
C VAL D 248 -5.31 -8.41 -16.33
N VAL D 249 -6.31 -8.59 -15.47
CA VAL D 249 -7.23 -9.71 -15.55
C VAL D 249 -8.64 -9.19 -15.80
N PRO D 250 -9.52 -9.98 -16.41
CA PRO D 250 -10.91 -9.54 -16.57
C PRO D 250 -11.63 -9.57 -15.24
N SER D 251 -12.61 -8.68 -15.11
CA SER D 251 -13.26 -8.47 -13.83
C SER D 251 -13.95 -9.75 -13.36
N GLY D 252 -13.76 -10.08 -12.08
CA GLY D 252 -14.37 -11.25 -11.51
C GLY D 252 -13.68 -12.57 -11.83
N GLU D 253 -12.60 -12.56 -12.60
CA GLU D 253 -11.83 -13.76 -12.85
C GLU D 253 -10.56 -13.83 -12.00
N GLU D 254 -10.48 -13.02 -10.94
CA GLU D 254 -9.30 -12.96 -10.10
C GLU D 254 -8.95 -14.29 -9.47
N GLN D 255 -9.93 -15.17 -9.30
CA GLN D 255 -9.70 -16.45 -8.66
C GLN D 255 -8.90 -17.40 -9.54
N ARG D 256 -8.82 -17.12 -10.84
CA ARG D 256 -8.13 -18.06 -11.73
C ARG D 256 -6.63 -17.88 -11.68
N TYR D 257 -6.15 -16.76 -11.18
CA TYR D 257 -4.75 -16.44 -11.32
C TYR D 257 -4.02 -16.74 -10.02
N THR D 258 -2.85 -17.33 -10.13
CA THR D 258 -2.03 -17.56 -8.96
C THR D 258 -0.65 -17.01 -9.21
N CYS D 259 -0.10 -16.37 -8.21
CA CYS D 259 1.28 -15.92 -8.26
C CYS D 259 2.15 -16.94 -7.53
N HIS D 260 3.28 -17.30 -8.14
CA HIS D 260 4.22 -18.27 -7.57
C HIS D 260 5.54 -17.59 -7.22
N VAL D 261 5.98 -17.77 -5.98
CA VAL D 261 7.18 -17.13 -5.45
C VAL D 261 8.17 -18.23 -5.09
N GLN D 262 9.35 -18.17 -5.69
CA GLN D 262 10.43 -19.12 -5.41
C GLN D 262 11.63 -18.35 -4.90
N HIS D 263 12.09 -18.68 -3.71
CA HIS D 263 13.25 -18.03 -3.13
C HIS D 263 13.95 -19.02 -2.23
N GLU D 264 15.29 -18.97 -2.23
CA GLU D 264 15.98 -19.96 -1.43
C GLU D 264 15.72 -19.80 0.06
N GLY D 265 15.08 -18.71 0.47
CA GLY D 265 14.54 -18.60 1.81
C GLY D 265 13.21 -19.30 2.01
N LEU D 266 12.54 -19.70 0.93
CA LEU D 266 11.25 -20.35 1.09
C LEU D 266 11.43 -21.87 1.09
N PRO D 267 11.15 -22.55 2.21
CA PRO D 267 11.12 -24.03 2.18
C PRO D 267 10.33 -24.58 1.00
N LYS D 268 9.13 -24.06 0.80
CA LYS D 268 8.35 -24.36 -0.39
C LYS D 268 8.06 -23.08 -1.13
N PRO D 269 7.94 -23.14 -2.46
CA PRO D 269 7.44 -21.98 -3.21
C PRO D 269 6.01 -21.59 -2.81
N LEU D 270 5.83 -20.32 -2.47
CA LEU D 270 4.51 -19.81 -2.11
C LEU D 270 3.61 -19.68 -3.33
N THR D 271 2.32 -19.88 -3.10
CA THR D 271 1.29 -19.61 -4.10
C THR D 271 0.32 -18.59 -3.52
N LEU D 272 0.24 -17.43 -4.14
CA LEU D 272 -0.66 -16.37 -3.71
C LEU D 272 -1.88 -16.28 -4.59
N ARG D 273 -3.00 -15.93 -3.98
CA ARG D 273 -4.26 -15.89 -4.69
C ARG D 273 -5.12 -14.79 -4.10
N TRP D 274 -5.55 -13.87 -4.94
CA TRP D 274 -6.44 -12.80 -4.49
C TRP D 274 -7.69 -13.41 -3.88
N MET E 1 28.99 2.60 -30.75
CA MET E 1 28.78 1.87 -29.51
C MET E 1 27.44 2.23 -28.84
N ILE E 2 26.60 1.21 -28.62
CA ILE E 2 25.20 1.50 -28.32
C ILE E 2 25.11 2.24 -27.00
N GLN E 3 24.10 3.12 -26.91
CA GLN E 3 23.65 3.70 -25.66
C GLN E 3 22.42 2.94 -25.18
N ARG E 4 22.22 2.93 -23.86
CA ARG E 4 21.16 2.15 -23.23
C ARG E 4 20.33 3.08 -22.36
N THR E 5 19.05 3.15 -22.62
CA THR E 5 18.17 4.05 -21.87
C THR E 5 17.92 3.49 -20.47
N PRO E 6 17.86 4.35 -19.47
CA PRO E 6 17.59 3.86 -18.11
C PRO E 6 16.17 3.35 -17.97
N LYS E 7 16.04 2.28 -17.17
CA LYS E 7 14.79 1.90 -16.55
C LYS E 7 14.69 2.61 -15.20
N ILE E 8 13.55 3.24 -14.95
CA ILE E 8 13.36 4.09 -13.77
C ILE E 8 12.29 3.47 -12.90
N GLN E 9 12.62 3.25 -11.63
CA GLN E 9 11.67 2.84 -10.62
C GLN E 9 11.76 3.78 -9.43
N VAL E 10 10.68 4.50 -9.16
CA VAL E 10 10.60 5.30 -7.95
C VAL E 10 9.65 4.59 -7.00
N TYR E 11 10.03 4.53 -5.73
CA TYR E 11 9.32 3.67 -4.81
C TYR E 11 9.80 3.94 -3.40
N SER E 12 8.95 3.57 -2.44
CA SER E 12 9.33 3.70 -1.04
C SER E 12 10.01 2.43 -0.56
N ARG E 13 10.83 2.58 0.48
CA ARG E 13 11.46 1.42 1.09
C ARG E 13 10.42 0.49 1.67
N HIS E 14 9.57 1.01 2.55
CA HIS E 14 8.45 0.29 3.11
C HIS E 14 7.16 0.82 2.50
N PRO E 15 6.06 0.07 2.60
CA PRO E 15 4.78 0.61 2.14
C PRO E 15 4.41 1.88 2.88
N ALA E 16 3.97 2.88 2.13
CA ALA E 16 3.75 4.22 2.69
C ALA E 16 2.67 4.20 3.76
N GLU E 17 2.97 4.86 4.88
CA GLU E 17 2.02 5.08 5.96
C GLU E 17 2.21 6.54 6.40
N ASN E 18 1.37 7.43 5.88
CA ASN E 18 1.31 8.83 6.31
C ASN E 18 1.66 9.00 7.79
N GLY E 19 2.61 9.90 8.09
CA GLY E 19 3.08 10.12 9.44
C GLY E 19 4.22 9.21 9.89
N LYS E 20 4.51 8.15 9.14
CA LYS E 20 5.57 7.22 9.51
C LYS E 20 6.76 7.44 8.58
N SER E 21 7.91 7.80 9.16
CA SER E 21 9.07 8.08 8.32
C SER E 21 9.42 6.85 7.48
N ASN E 22 10.08 7.11 6.36
CA ASN E 22 10.31 6.10 5.34
C ASN E 22 11.52 6.54 4.53
N PHE E 23 11.84 5.82 3.47
CA PHE E 23 12.87 6.25 2.55
C PHE E 23 12.29 6.26 1.17
N LEU E 24 12.55 7.34 0.43
CA LEU E 24 12.09 7.49 -0.94
C LEU E 24 13.25 7.13 -1.86
N ASN E 25 13.04 6.13 -2.71
CA ASN E 25 14.08 5.57 -3.57
C ASN E 25 13.80 5.86 -5.03
N CYS E 26 14.87 6.11 -5.79
CA CYS E 26 14.83 6.14 -7.24
C CYS E 26 15.92 5.21 -7.77
N TYR E 27 15.49 4.10 -8.36
CA TYR E 27 16.38 3.12 -8.92
C TYR E 27 16.42 3.31 -10.42
N VAL E 28 17.64 3.42 -10.97
CA VAL E 28 17.87 3.60 -12.39
C VAL E 28 18.80 2.48 -12.83
N SER E 29 18.48 1.83 -13.94
CA SER E 29 19.21 0.61 -14.24
C SER E 29 19.16 0.36 -15.73
N GLY E 30 20.02 -0.57 -16.16
CA GLY E 30 20.11 -0.96 -17.55
C GLY E 30 20.54 0.16 -18.49
N PHE E 31 21.35 1.10 -18.01
CA PHE E 31 21.72 2.24 -18.84
C PHE E 31 23.21 2.26 -19.11
N HIS E 32 23.58 3.04 -20.13
CA HIS E 32 24.93 3.26 -20.64
C HIS E 32 24.86 4.42 -21.61
N PRO E 33 25.78 5.39 -21.53
CA PRO E 33 26.94 5.45 -20.63
C PRO E 33 26.57 5.86 -19.22
N SER E 34 27.58 5.95 -18.35
CA SER E 34 27.32 6.18 -16.94
C SER E 34 26.98 7.63 -16.65
N ASP E 35 27.11 8.52 -17.62
CA ASP E 35 26.72 9.91 -17.40
C ASP E 35 25.20 10.01 -17.20
N ILE E 36 24.77 10.39 -15.99
CA ILE E 36 23.35 10.44 -15.66
C ILE E 36 23.16 11.47 -14.55
N GLU E 37 22.03 12.16 -14.59
CA GLU E 37 21.62 13.06 -13.50
C GLU E 37 20.25 12.64 -13.02
N VAL E 38 20.13 12.42 -11.71
CA VAL E 38 18.93 11.87 -11.13
C VAL E 38 18.54 12.74 -9.95
N ASP E 39 17.35 13.31 -10.00
CA ASP E 39 16.88 14.19 -8.93
C ASP E 39 15.50 13.77 -8.45
N LEU E 40 15.32 13.84 -7.14
CA LEU E 40 14.03 13.64 -6.50
C LEU E 40 13.36 14.99 -6.25
N LEU E 41 12.05 15.03 -6.43
CA LEU E 41 11.29 16.27 -6.31
C LEU E 41 10.13 16.09 -5.35
N LYS E 42 9.97 17.07 -4.46
CA LYS E 42 8.79 17.17 -3.61
C LYS E 42 7.95 18.31 -4.18
N ASN E 43 6.77 17.97 -4.67
CA ASN E 43 5.87 18.96 -5.28
C ASN E 43 6.62 19.81 -6.28
N GLY E 44 7.37 19.14 -7.15
CA GLY E 44 8.11 19.76 -8.24
C GLY E 44 9.42 20.45 -7.90
N GLU E 45 9.84 20.47 -6.64
CA GLU E 45 11.07 21.13 -6.24
C GLU E 45 12.16 20.11 -5.89
N ARG E 46 13.37 20.33 -6.42
CA ARG E 46 14.51 19.45 -6.15
C ARG E 46 14.76 19.32 -4.66
N ILE E 47 14.72 18.09 -4.15
CA ILE E 47 15.11 17.82 -2.76
C ILE E 47 16.63 17.87 -2.67
N GLU E 48 17.15 18.79 -1.87
CA GLU E 48 18.57 18.74 -1.57
C GLU E 48 18.84 17.58 -0.61
N LYS E 49 20.12 17.27 -0.43
CA LYS E 49 20.52 16.22 0.50
C LYS E 49 19.91 14.89 0.07
N VAL E 50 20.11 14.54 -1.17
CA VAL E 50 19.76 13.22 -1.68
C VAL E 50 21.05 12.43 -1.79
N GLU E 51 20.99 11.16 -1.43
CA GLU E 51 22.16 10.31 -1.49
C GLU E 51 21.99 9.23 -2.53
N HIS E 52 23.12 8.68 -2.97
CA HIS E 52 23.12 7.69 -4.03
C HIS E 52 24.20 6.65 -3.76
N SER E 53 23.97 5.47 -4.34
CA SER E 53 24.89 4.36 -4.22
C SER E 53 26.13 4.60 -5.06
N ASP E 54 27.10 3.72 -4.89
CA ASP E 54 28.32 3.76 -5.70
C ASP E 54 28.08 3.10 -7.05
N LEU E 55 28.59 3.73 -8.10
CA LEU E 55 28.29 3.30 -9.46
C LEU E 55 28.69 1.84 -9.64
N SER E 56 27.71 1.00 -9.95
CA SER E 56 28.00 -0.38 -10.25
C SER E 56 27.31 -0.74 -11.56
N PHE E 57 27.51 -1.98 -11.99
CA PHE E 57 26.92 -2.44 -13.23
C PHE E 57 26.64 -3.92 -13.15
N SER E 58 25.83 -4.38 -14.09
CA SER E 58 25.30 -5.73 -14.11
C SER E 58 26.05 -6.59 -15.13
N LYS E 59 25.52 -7.82 -15.36
CA LYS E 59 26.21 -8.80 -16.19
C LYS E 59 26.40 -8.32 -17.61
N ASP E 60 25.43 -7.57 -18.15
CA ASP E 60 25.52 -7.13 -19.53
C ASP E 60 26.24 -5.81 -19.69
N TRP E 61 26.92 -5.34 -18.62
CA TRP E 61 27.70 -4.11 -18.51
C TRP E 61 26.84 -2.83 -18.44
N SER E 62 25.53 -2.96 -18.21
CA SER E 62 24.69 -1.79 -18.02
C SER E 62 24.77 -1.34 -16.57
N PHE E 63 24.81 -0.02 -16.36
CA PHE E 63 24.99 0.54 -15.03
C PHE E 63 23.68 0.62 -14.27
N TYR E 64 23.80 0.84 -12.96
CA TYR E 64 22.65 1.05 -12.09
C TYR E 64 23.07 1.89 -10.90
N LEU E 65 22.09 2.58 -10.33
CA LEU E 65 22.34 3.54 -9.27
C LEU E 65 21.07 3.66 -8.42
N LEU E 66 21.24 3.66 -7.11
CA LEU E 66 20.12 3.92 -6.21
C LEU E 66 20.26 5.33 -5.62
N TYR E 67 19.34 6.23 -5.95
CA TYR E 67 19.24 7.53 -5.30
C TYR E 67 18.15 7.41 -4.26
N TYR E 68 18.42 7.92 -3.06
CA TYR E 68 17.46 7.75 -1.99
C TYR E 68 17.51 8.95 -1.08
N THR E 69 16.42 9.13 -0.34
CA THR E 69 16.33 10.14 0.70
C THR E 69 15.31 9.68 1.74
N GLU E 70 15.65 9.94 3.00
CA GLU E 70 14.69 9.81 4.06
C GLU E 70 13.57 10.83 3.83
N PHE E 71 12.34 10.46 4.19
CA PHE E 71 11.22 11.39 4.12
C PHE E 71 10.10 10.83 4.98
N THR E 72 9.06 11.65 5.18
CA THR E 72 7.84 11.20 5.85
C THR E 72 6.63 11.51 4.99
N PRO E 73 5.91 10.51 4.51
CA PRO E 73 4.83 10.78 3.55
C PRO E 73 3.62 11.42 4.22
N THR E 74 3.03 12.38 3.52
CA THR E 74 1.74 12.96 3.88
C THR E 74 0.75 12.69 2.75
N GLU E 75 -0.51 13.03 3.02
CA GLU E 75 -1.54 12.85 2.00
C GLU E 75 -1.37 13.82 0.84
N LYS E 76 -1.00 15.08 1.12
CA LYS E 76 -0.94 16.08 0.05
C LYS E 76 0.39 16.10 -0.70
N ASP E 77 1.49 15.71 -0.06
CA ASP E 77 2.79 15.87 -0.68
C ASP E 77 2.98 14.85 -1.80
N GLU E 78 3.34 15.34 -2.99
CA GLU E 78 3.55 14.49 -4.16
C GLU E 78 5.05 14.37 -4.44
N TYR E 79 5.51 13.18 -4.79
CA TYR E 79 6.94 12.95 -4.97
C TYR E 79 7.24 12.44 -6.36
N ALA E 80 8.42 12.76 -6.86
CA ALA E 80 8.80 12.32 -8.19
C ALA E 80 10.32 12.23 -8.34
N CYS E 81 10.73 11.39 -9.28
CA CYS E 81 12.11 11.25 -9.71
C CYS E 81 12.26 11.88 -11.10
N ARG E 82 13.30 12.69 -11.28
CA ARG E 82 13.63 13.28 -12.58
C ARG E 82 15.01 12.77 -13.00
N VAL E 83 15.05 12.07 -14.12
CA VAL E 83 16.26 11.41 -14.58
C VAL E 83 16.72 12.09 -15.86
N ASN E 84 18.00 12.43 -15.91
CA ASN E 84 18.57 13.16 -17.02
C ASN E 84 19.67 12.29 -17.63
N HIS E 85 19.43 11.84 -18.87
CA HIS E 85 20.36 10.97 -19.55
C HIS E 85 20.42 11.36 -21.02
N VAL E 86 21.56 11.04 -21.65
CA VAL E 86 21.75 11.41 -23.03
C VAL E 86 20.73 10.72 -23.93
N THR E 87 20.22 9.55 -23.51
CA THR E 87 19.21 8.88 -24.32
C THR E 87 17.81 9.48 -24.16
N LEU E 88 17.63 10.48 -23.31
CA LEU E 88 16.33 11.06 -23.06
C LEU E 88 16.29 12.44 -23.71
N SER E 89 15.45 12.59 -24.74
CA SER E 89 15.41 13.86 -25.46
C SER E 89 14.93 15.00 -24.57
N GLN E 90 14.03 14.71 -23.62
CA GLN E 90 13.85 15.54 -22.45
C GLN E 90 14.04 14.66 -21.23
N PRO E 91 14.37 15.26 -20.08
CA PRO E 91 14.43 14.47 -18.85
C PRO E 91 13.12 13.76 -18.59
N LYS E 92 13.21 12.55 -18.06
CA LYS E 92 12.02 11.76 -17.82
C LYS E 92 11.65 11.90 -16.35
N ILE E 93 10.38 12.17 -16.10
CA ILE E 93 9.85 12.42 -14.75
C ILE E 93 8.84 11.33 -14.45
N VAL E 94 9.14 10.49 -13.48
CA VAL E 94 8.22 9.45 -12.99
C VAL E 94 7.76 9.87 -11.61
N LYS E 95 6.46 9.92 -11.41
CA LYS E 95 5.91 10.28 -10.11
C LYS E 95 5.85 9.05 -9.19
N TRP E 96 5.77 9.29 -7.90
CA TRP E 96 5.74 8.20 -6.96
C TRP E 96 4.32 7.68 -6.79
N ASP E 97 4.10 6.46 -7.22
CA ASP E 97 2.83 5.77 -7.06
C ASP E 97 2.96 4.83 -5.87
N ARG E 98 2.07 4.99 -4.89
CA ARG E 98 2.22 4.27 -3.63
C ARG E 98 2.11 2.75 -3.77
N ASP E 99 1.55 2.25 -4.87
CA ASP E 99 1.60 0.81 -5.17
C ASP E 99 2.49 0.51 -6.37
N MET E 100 3.46 1.39 -6.64
CA MET E 100 4.31 1.43 -7.84
C MET E 100 3.58 1.12 -9.16
N ASN F 1 39.83 -9.22 -1.41
CA ASN F 1 41.09 -8.59 -1.80
C ASN F 1 41.11 -8.27 -3.28
N TYR F 2 41.55 -7.07 -3.61
CA TYR F 2 41.76 -6.74 -5.02
C TYR F 2 42.89 -7.58 -5.60
N ASP F 3 42.89 -7.71 -6.93
CA ASP F 3 43.99 -8.29 -7.68
C ASP F 3 45.10 -7.25 -7.86
N TYR F 4 46.27 -7.74 -8.30
CA TYR F 4 47.35 -6.89 -8.76
C TYR F 4 47.33 -6.93 -10.28
N TRP F 5 46.81 -5.87 -10.90
CA TRP F 5 46.54 -5.83 -12.32
C TRP F 5 47.36 -4.71 -12.96
N TYR F 6 48.23 -5.08 -13.91
CA TYR F 6 49.13 -4.17 -14.59
C TYR F 6 49.17 -4.34 -16.12
N ARG F 7 48.44 -5.31 -16.68
CA ARG F 7 48.59 -5.67 -18.08
C ARG F 7 47.92 -4.67 -19.00
N LEU F 8 48.60 -4.33 -20.09
CA LEU F 8 48.14 -3.32 -21.03
C LEU F 8 47.59 -3.95 -22.31
N PHE F 9 46.61 -3.26 -22.91
CA PHE F 9 46.00 -3.68 -24.18
C PHE F 9 47.03 -3.71 -25.33
#